data_1E0F
#
_entry.id   1E0F
#
_cell.length_a   121.670
_cell.length_b   50.570
_cell.length_c   129.740
_cell.angle_alpha   90.00
_cell.angle_beta   114.76
_cell.angle_gamma   90.00
#
_symmetry.space_group_name_H-M   'P 1 2 1'
#
loop_
_entity.id
_entity.type
_entity.pdbx_description
1 polymer THROMBIN
2 polymer THROMBIN
3 polymer HAEMADIN
4 water water
#
loop_
_entity_poly.entity_id
_entity_poly.type
_entity_poly.pdbx_seq_one_letter_code
_entity_poly.pdbx_strand_id
1 'polypeptide(L)' TFGSGEADCGLRPLFEKKSLEDKTERELLESYIDGR A,B,C
2 'polypeptide(L)'
;IVEGSDAEIGMSPWQVMLFRKSPQELLCGASLISDRWVLTAAHCLLYPPWDKNFIENDLLVRIGKHSRTRYERNIEKISM
LEKIYIHPRYNWRENLDRDIALMKLKKPVAFSDYIHPVCLPDRETAASLLQAGYKGRVTGWGNLKETWTANVGKGQPSVL
QVVNLPIVERPVCKDSTRIRITDNMFCAGYKPDEGKRGDACEGDSGGPFVMKSPFNNRWYQMGIVSWGEGCDRDGKYGFY
THVFRLKKWIQKVIDQFGE
;
D,E,F
3 'polypeptide(L)' IRFGMGKVPCPDGEVGYTCDCGEKICLYGQSCNDGQCSGDPKPSSEFEEFEIDEEEK I,J,K
#
# COMPACT_ATOMS: atom_id res chain seq x y z
N THR A 1 34.20 9.00 -58.93
CA THR A 1 35.21 9.26 -57.85
C THR A 1 35.27 8.01 -56.96
N PHE A 2 36.24 7.97 -56.06
CA PHE A 2 36.43 6.85 -55.15
C PHE A 2 35.93 7.18 -53.73
N GLY A 3 36.85 7.27 -52.77
CA GLY A 3 36.46 7.56 -51.40
C GLY A 3 36.10 6.27 -50.67
N SER A 4 34.80 6.08 -50.43
CA SER A 4 34.31 4.90 -49.73
C SER A 4 32.83 4.59 -50.04
N GLY A 5 32.27 5.23 -51.07
CA GLY A 5 30.88 4.98 -51.40
C GLY A 5 30.13 6.13 -52.05
N GLU A 6 29.03 6.54 -51.43
CA GLU A 6 28.19 7.64 -51.93
C GLU A 6 28.66 9.03 -51.46
N ALA A 7 28.74 9.96 -52.40
CA ALA A 7 29.17 11.33 -52.12
C ALA A 7 27.97 12.28 -52.05
N ASP A 8 27.36 12.35 -50.87
CA ASP A 8 26.20 13.21 -50.66
C ASP A 8 26.26 13.76 -49.25
N CYS A 9 27.30 13.37 -48.52
CA CYS A 9 27.49 13.81 -47.15
C CYS A 9 27.64 15.32 -47.09
N GLY A 10 27.49 15.87 -45.90
CA GLY A 10 27.65 17.31 -45.68
C GLY A 10 26.65 18.22 -46.35
N LEU A 11 25.71 17.66 -47.09
CA LEU A 11 24.72 18.48 -47.76
C LEU A 11 23.37 18.35 -47.08
N ARG A 12 23.06 19.32 -46.22
CA ARG A 12 21.79 19.31 -45.52
C ARG A 12 20.71 19.42 -46.59
N PRO A 13 19.73 18.52 -46.56
CA PRO A 13 18.65 18.55 -47.55
C PRO A 13 17.69 19.69 -47.26
N LEU A 14 17.79 20.22 -46.05
CA LEU A 14 16.92 21.29 -45.60
C LEU A 14 17.56 22.66 -45.72
N PHE A 15 18.81 22.70 -46.16
CA PHE A 15 19.50 23.99 -46.29
C PHE A 15 20.31 24.07 -47.56
N GLU A 16 21.42 23.32 -47.61
CA GLU A 16 22.29 23.29 -48.77
C GLU A 16 21.54 22.97 -50.05
N LYS A 17 20.81 21.86 -50.04
CA LYS A 17 20.05 21.45 -51.22
C LYS A 17 18.95 22.44 -51.58
N LYS A 18 18.51 23.24 -50.62
CA LYS A 18 17.45 24.21 -50.88
C LYS A 18 17.98 25.63 -51.00
N SER A 19 19.29 25.76 -51.08
CA SER A 19 19.94 27.06 -51.21
C SER A 19 19.52 28.04 -50.09
N LEU A 20 19.63 27.60 -48.84
CA LEU A 20 19.27 28.45 -47.71
C LEU A 20 20.44 28.71 -46.78
N GLU A 21 20.35 29.82 -46.05
CA GLU A 21 21.39 30.21 -45.11
C GLU A 21 20.87 30.21 -43.68
N ASP A 22 21.48 29.39 -42.83
CA ASP A 22 21.09 29.34 -41.43
C ASP A 22 21.79 30.53 -40.78
N LYS A 23 21.14 31.14 -39.79
CA LYS A 23 21.68 32.31 -39.09
C LYS A 23 23.21 32.36 -38.92
N THR A 24 23.73 31.49 -38.06
CA THR A 24 25.16 31.46 -37.76
C THR A 24 26.11 31.23 -38.93
N GLU A 25 25.68 30.48 -39.94
CA GLU A 25 26.48 30.14 -41.13
C GLU A 25 27.41 31.26 -41.61
N ARG A 26 26.83 32.40 -41.95
CA ARG A 26 27.54 33.59 -42.44
C ARG A 26 28.76 33.96 -41.59
N GLU A 27 28.69 33.71 -40.29
CA GLU A 27 29.77 34.01 -39.36
C GLU A 27 31.00 33.13 -39.58
N LEU A 28 30.77 31.86 -39.94
CA LEU A 28 31.87 30.93 -40.16
C LEU A 28 32.66 31.35 -41.40
N LEU A 29 31.93 31.70 -42.45
CA LEU A 29 32.58 32.13 -43.69
C LEU A 29 33.44 33.39 -43.48
N GLU A 30 32.93 34.35 -42.72
CA GLU A 30 33.69 35.56 -42.46
C GLU A 30 34.95 35.30 -41.64
N SER A 31 34.96 34.22 -40.87
CA SER A 31 36.12 33.90 -40.05
C SER A 31 37.32 33.40 -40.82
N TYR A 32 37.11 33.02 -42.08
CA TYR A 32 38.20 32.49 -42.87
C TYR A 32 39.16 33.54 -43.42
N ILE A 33 38.77 34.80 -43.36
CA ILE A 33 39.61 35.90 -43.85
C ILE A 33 39.78 36.96 -42.76
N ASP A 34 38.66 37.56 -42.39
CA ASP A 34 38.60 38.64 -41.41
C ASP A 34 39.33 38.39 -40.08
N GLY A 35 40.13 39.36 -39.69
CA GLY A 35 40.89 39.29 -38.46
C GLY A 35 42.28 39.83 -38.74
N ARG A 36 42.79 39.46 -39.91
CA ARG A 36 44.11 39.88 -40.38
C ARG A 36 44.00 40.37 -41.83
N THR B 1 -26.92 -13.24 -17.87
CA THR B 1 -25.90 -12.83 -16.88
C THR B 1 -24.51 -13.02 -17.50
N PHE B 2 -23.67 -11.98 -17.46
CA PHE B 2 -22.33 -12.07 -18.03
C PHE B 2 -21.32 -11.07 -17.41
N GLY B 3 -20.60 -10.34 -18.26
CA GLY B 3 -19.63 -9.39 -17.78
C GLY B 3 -18.28 -10.10 -17.73
N SER B 4 -17.55 -9.90 -16.64
CA SER B 4 -16.25 -10.54 -16.49
C SER B 4 -15.75 -10.45 -15.06
N GLY B 5 -15.61 -11.62 -14.44
CA GLY B 5 -15.12 -11.71 -13.08
C GLY B 5 -16.03 -11.27 -11.95
N GLU B 6 -15.46 -10.42 -11.09
CA GLU B 6 -16.15 -9.91 -9.92
C GLU B 6 -16.88 -8.61 -10.23
N ALA B 7 -18.10 -8.73 -10.75
CA ALA B 7 -18.89 -7.56 -11.08
C ALA B 7 -19.32 -6.89 -9.77
N ASP B 8 -19.52 -7.68 -8.72
CA ASP B 8 -19.93 -7.16 -7.42
C ASP B 8 -18.77 -6.60 -6.58
N CYS B 9 -17.73 -6.13 -7.27
CA CYS B 9 -16.57 -5.57 -6.60
C CYS B 9 -16.93 -4.26 -5.90
N GLY B 10 -16.13 -3.87 -4.91
CA GLY B 10 -16.35 -2.61 -4.22
C GLY B 10 -17.57 -2.49 -3.33
N LEU B 11 -18.42 -3.51 -3.34
CA LEU B 11 -19.62 -3.53 -2.51
C LEU B 11 -19.36 -4.36 -1.27
N ARG B 12 -19.12 -3.68 -0.15
CA ARG B 12 -18.83 -4.33 1.13
C ARG B 12 -20.05 -5.03 1.74
N PRO B 13 -19.94 -6.35 1.98
CA PRO B 13 -20.97 -7.21 2.56
C PRO B 13 -21.50 -6.78 3.93
N LEU B 14 -20.69 -6.06 4.69
CA LEU B 14 -21.07 -5.61 6.03
C LEU B 14 -21.61 -4.18 6.09
N PHE B 15 -21.61 -3.50 4.95
CA PHE B 15 -22.10 -2.12 4.90
C PHE B 15 -23.01 -1.87 3.71
N GLU B 16 -22.43 -1.69 2.52
CA GLU B 16 -23.26 -1.45 1.35
C GLU B 16 -24.32 -2.55 1.18
N LYS B 17 -23.90 -3.81 1.28
CA LYS B 17 -24.80 -4.94 1.10
C LYS B 17 -25.95 -4.99 2.10
N LYS B 18 -25.84 -4.22 3.17
CA LYS B 18 -26.88 -4.21 4.19
C LYS B 18 -27.42 -2.80 4.45
N SER B 19 -27.05 -1.87 3.58
CA SER B 19 -27.48 -0.48 3.69
C SER B 19 -26.99 0.19 4.97
N LEU B 20 -25.71 0.05 5.24
CA LEU B 20 -25.09 0.65 6.41
C LEU B 20 -23.99 1.60 5.95
N GLU B 21 -23.67 2.59 6.78
CA GLU B 21 -22.64 3.56 6.43
C GLU B 21 -21.66 3.80 7.57
N ASP B 22 -20.37 3.61 7.32
CA ASP B 22 -19.39 3.84 8.38
C ASP B 22 -19.38 5.30 8.75
N LYS B 23 -19.13 5.58 10.03
CA LYS B 23 -19.12 6.94 10.58
C LYS B 23 -18.67 8.07 9.67
N THR B 24 -17.42 8.00 9.23
CA THR B 24 -16.83 9.05 8.40
C THR B 24 -17.14 9.02 6.91
N GLU B 25 -17.83 7.99 6.46
CA GLU B 25 -18.20 7.84 5.06
C GLU B 25 -18.81 9.14 4.52
N ARG B 26 -19.79 9.68 5.24
CA ARG B 26 -20.45 10.93 4.83
C ARG B 26 -19.42 12.01 4.50
N GLU B 27 -18.37 12.10 5.33
CA GLU B 27 -17.33 13.09 5.12
C GLU B 27 -16.78 13.02 3.69
N LEU B 28 -16.58 11.81 3.18
CA LEU B 28 -16.09 11.66 1.81
C LEU B 28 -17.10 12.21 0.80
N LEU B 29 -18.32 11.67 0.86
CA LEU B 29 -19.39 12.05 -0.06
C LEU B 29 -19.68 13.55 -0.16
N GLU B 30 -19.59 14.27 0.96
CA GLU B 30 -19.82 15.72 0.98
C GLU B 30 -18.87 16.48 0.08
N SER B 31 -17.58 16.20 0.19
CA SER B 31 -16.59 16.89 -0.62
C SER B 31 -16.95 16.75 -2.09
N TYR B 32 -17.35 15.55 -2.51
CA TYR B 32 -17.70 15.31 -3.90
C TYR B 32 -18.86 16.21 -4.31
N ILE B 33 -19.97 16.10 -3.58
CA ILE B 33 -21.16 16.90 -3.87
C ILE B 33 -21.82 17.36 -2.57
N ASP B 34 -21.76 18.66 -2.33
CA ASP B 34 -22.34 19.27 -1.13
C ASP B 34 -23.44 20.24 -1.54
N GLY B 35 -24.24 20.68 -0.57
CA GLY B 35 -25.32 21.61 -0.82
C GLY B 35 -24.89 22.98 -1.34
N ARG B 36 -24.61 23.92 -0.44
CA ARG B 36 -24.19 25.27 -0.84
C ARG B 36 -23.17 25.86 0.16
N PHE C 2 -36.87 -35.21 8.18
CA PHE C 2 -37.82 -35.43 9.31
C PHE C 2 -38.09 -34.09 10.01
N GLY C 3 -38.71 -34.16 11.19
CA GLY C 3 -39.02 -32.96 11.97
C GLY C 3 -37.78 -32.16 12.31
N SER C 4 -37.02 -32.62 13.29
CA SER C 4 -35.81 -31.92 13.67
C SER C 4 -34.81 -32.01 12.51
N GLY C 5 -34.33 -30.85 12.08
CA GLY C 5 -33.37 -30.79 10.99
C GLY C 5 -32.54 -29.53 11.12
N GLU C 6 -33.23 -28.42 11.40
CA GLU C 6 -32.59 -27.12 11.59
C GLU C 6 -31.72 -26.64 10.43
N ALA C 7 -32.04 -27.08 9.21
CA ALA C 7 -31.29 -26.69 8.02
C ALA C 7 -31.26 -25.18 7.82
N ASP C 8 -32.17 -24.47 8.48
CA ASP C 8 -32.24 -23.00 8.38
C ASP C 8 -32.14 -22.36 9.74
N CYS C 9 -31.81 -23.15 10.75
CA CYS C 9 -31.72 -22.64 12.11
C CYS C 9 -30.80 -21.44 12.17
N GLY C 10 -31.15 -20.50 13.04
CA GLY C 10 -30.34 -19.32 13.24
C GLY C 10 -30.42 -18.26 12.15
N LEU C 11 -31.17 -18.50 11.09
CA LEU C 11 -31.29 -17.53 10.02
C LEU C 11 -32.66 -16.85 10.03
N ARG C 12 -32.72 -15.67 10.63
CA ARG C 12 -33.95 -14.91 10.73
C ARG C 12 -34.41 -14.48 9.34
N PRO C 13 -35.67 -14.75 9.02
CA PRO C 13 -36.28 -14.41 7.73
C PRO C 13 -36.31 -12.90 7.45
N LEU C 14 -36.64 -12.13 8.49
CA LEU C 14 -36.73 -10.68 8.38
C LEU C 14 -35.39 -9.95 8.39
N PHE C 15 -34.33 -10.64 8.78
CA PHE C 15 -33.03 -9.99 8.85
C PHE C 15 -31.90 -10.65 8.08
N GLU C 16 -31.47 -11.82 8.54
CA GLU C 16 -30.37 -12.53 7.87
C GLU C 16 -30.75 -12.84 6.44
N LYS C 17 -31.99 -13.27 6.22
CA LYS C 17 -32.44 -13.58 4.86
C LYS C 17 -32.65 -12.30 4.03
N LYS C 18 -32.64 -11.15 4.69
CA LYS C 18 -32.87 -9.89 3.97
C LYS C 18 -31.69 -8.92 4.00
N SER C 19 -30.51 -9.40 4.35
CA SER C 19 -29.34 -8.53 4.41
C SER C 19 -29.62 -7.27 5.24
N LEU C 20 -30.41 -7.43 6.30
CA LEU C 20 -30.76 -6.33 7.19
C LEU C 20 -30.39 -6.74 8.60
N GLU C 21 -29.79 -5.83 9.34
CA GLU C 21 -29.39 -6.12 10.70
C GLU C 21 -30.25 -5.34 11.65
N ASP C 22 -30.50 -5.91 12.81
CA ASP C 22 -31.30 -5.22 13.80
C ASP C 22 -30.30 -4.27 14.49
N LYS C 23 -30.79 -3.15 14.97
CA LYS C 23 -29.97 -2.12 15.62
C LYS C 23 -28.72 -2.55 16.38
N THR C 24 -28.88 -3.40 17.39
CA THR C 24 -27.76 -3.84 18.21
C THR C 24 -26.91 -5.01 17.73
N GLU C 25 -27.33 -5.65 16.65
CA GLU C 25 -26.64 -6.80 16.07
C GLU C 25 -25.11 -6.62 15.95
N ARG C 26 -24.69 -5.48 15.41
CA ARG C 26 -23.27 -5.20 15.22
C ARG C 26 -22.47 -5.20 16.54
N GLU C 27 -23.11 -4.80 17.64
CA GLU C 27 -22.46 -4.73 18.95
C GLU C 27 -21.86 -6.07 19.40
N LEU C 28 -22.43 -7.17 18.90
CA LEU C 28 -21.94 -8.48 19.25
C LEU C 28 -20.68 -8.73 18.44
N LEU C 29 -20.76 -8.45 17.13
CA LEU C 29 -19.64 -8.64 16.23
C LEU C 29 -18.45 -7.85 16.73
N GLU C 30 -18.69 -6.63 17.17
CA GLU C 30 -17.63 -5.78 17.69
C GLU C 30 -17.13 -6.20 19.06
N SER C 31 -17.88 -7.03 19.76
CA SER C 31 -17.43 -7.50 21.07
C SER C 31 -16.46 -8.65 20.82
N TYR C 32 -16.64 -9.31 19.67
CA TYR C 32 -15.82 -10.45 19.28
C TYR C 32 -14.43 -10.07 18.76
N ILE C 33 -14.37 -9.56 17.53
CA ILE C 33 -13.10 -9.19 16.92
C ILE C 33 -12.59 -7.87 17.48
N ASP C 34 -11.91 -7.93 18.62
CA ASP C 34 -11.38 -6.71 19.24
C ASP C 34 -10.44 -7.04 20.39
N GLY C 35 -10.98 -7.73 21.40
CA GLY C 35 -10.19 -8.11 22.57
C GLY C 35 -10.03 -7.02 23.62
N ARG C 36 -10.35 -5.78 23.24
CA ARG C 36 -10.23 -4.61 24.12
C ARG C 36 -8.84 -4.55 24.75
N ILE D 1 25.10 23.36 -23.98
CA ILE D 1 26.18 24.24 -24.47
C ILE D 1 26.01 25.52 -23.68
N VAL D 2 27.10 26.04 -23.12
CA VAL D 2 26.99 27.29 -22.37
C VAL D 2 27.08 28.40 -23.39
N GLU D 3 26.21 29.40 -23.26
CA GLU D 3 26.21 30.53 -24.17
C GLU D 3 25.93 30.19 -25.63
N GLY D 4 24.95 29.32 -25.85
CA GLY D 4 24.61 28.94 -27.21
C GLY D 4 23.25 29.51 -27.59
N SER D 5 22.52 28.78 -28.43
CA SER D 5 21.18 29.20 -28.87
C SER D 5 20.44 28.02 -29.45
N ASP D 6 19.11 28.07 -29.47
CA ASP D 6 18.33 26.99 -30.03
C ASP D 6 18.69 26.85 -31.51
N ALA D 7 18.84 25.62 -31.97
CA ALA D 7 19.18 25.35 -33.35
C ALA D 7 17.94 25.41 -34.22
N GLU D 8 18.16 25.52 -35.53
CA GLU D 8 17.07 25.54 -36.51
C GLU D 8 16.76 24.12 -36.90
N ILE D 9 15.50 23.82 -37.17
CA ILE D 9 15.09 22.48 -37.55
C ILE D 9 15.90 21.96 -38.73
N GLY D 10 16.69 20.92 -38.51
CA GLY D 10 17.49 20.35 -39.59
C GLY D 10 18.82 20.98 -39.92
N MET D 11 19.34 21.83 -39.02
CA MET D 11 20.62 22.51 -39.25
C MET D 11 21.87 21.69 -38.88
N SER D 12 21.65 20.48 -38.38
CA SER D 12 22.76 19.63 -37.96
C SER D 12 22.30 18.18 -38.03
N PRO D 13 21.79 17.73 -39.19
CA PRO D 13 21.29 16.37 -39.42
C PRO D 13 22.14 15.16 -39.04
N TRP D 14 23.33 15.38 -38.52
CA TRP D 14 24.19 14.30 -38.12
C TRP D 14 24.30 14.21 -36.61
N GLN D 15 23.80 15.23 -35.92
CA GLN D 15 23.83 15.26 -34.47
C GLN D 15 23.03 14.06 -33.95
N VAL D 16 23.72 13.17 -33.26
CA VAL D 16 23.10 11.99 -32.70
C VAL D 16 23.16 12.03 -31.17
N MET D 17 22.14 11.44 -30.55
CA MET D 17 22.07 11.37 -29.10
C MET D 17 22.33 9.94 -28.65
N LEU D 18 23.37 9.76 -27.85
CA LEU D 18 23.71 8.45 -27.33
C LEU D 18 22.82 8.30 -26.11
N PHE D 19 21.81 7.45 -26.20
CA PHE D 19 20.85 7.25 -25.12
C PHE D 19 21.03 5.95 -24.35
N ARG D 20 20.83 6.02 -23.04
CA ARG D 20 20.96 4.85 -22.18
C ARG D 20 19.59 4.20 -22.00
N LYS D 21 19.56 2.86 -21.98
CA LYS D 21 18.31 2.14 -21.83
C LYS D 21 17.70 2.24 -20.43
N SER D 22 18.38 1.68 -19.43
CA SER D 22 17.89 1.71 -18.06
C SER D 22 19.04 1.89 -17.08
N PRO D 23 19.06 3.00 -16.31
CA PRO D 23 18.06 4.08 -16.35
C PRO D 23 18.07 4.88 -17.66
N GLN D 24 16.92 5.46 -18.01
CA GLN D 24 16.86 6.43 -19.08
C GLN D 24 17.58 7.72 -18.70
N GLU D 25 18.56 8.13 -19.50
CA GLU D 25 19.31 9.36 -19.26
C GLU D 25 20.17 9.72 -20.48
N LEU D 26 20.58 10.98 -20.59
CA LEU D 26 21.40 11.37 -21.72
C LEU D 26 22.85 11.05 -21.36
N LEU D 27 23.53 10.32 -22.24
CA LEU D 27 24.91 9.93 -22.00
C LEU D 27 25.90 10.87 -22.67
N CYS D 28 25.73 11.06 -23.97
CA CYS D 28 26.61 11.92 -24.76
C CYS D 28 25.98 12.22 -26.11
N GLY D 29 26.72 12.93 -26.95
CA GLY D 29 26.25 13.24 -28.29
C GLY D 29 27.18 12.48 -29.23
N ALA D 30 26.88 12.49 -30.52
CA ALA D 30 27.72 11.80 -31.50
C ALA D 30 27.40 12.32 -32.89
N SER D 31 28.05 11.75 -33.89
CA SER D 31 27.83 12.18 -35.27
C SER D 31 27.70 11.03 -36.24
N LEU D 32 26.69 11.10 -37.10
CA LEU D 32 26.44 10.09 -38.12
C LEU D 32 27.46 10.32 -39.23
N ILE D 33 28.30 9.34 -39.51
CA ILE D 33 29.27 9.49 -40.59
C ILE D 33 28.90 8.62 -41.78
N SER D 34 27.86 7.82 -41.63
CA SER D 34 27.41 6.97 -42.71
C SER D 34 26.05 6.39 -42.33
N ASP D 35 25.48 5.60 -43.23
CA ASP D 35 24.17 4.98 -43.00
C ASP D 35 24.15 4.01 -41.83
N ARG D 36 25.31 3.57 -41.35
CA ARG D 36 25.32 2.65 -40.21
C ARG D 36 26.46 2.88 -39.23
N TRP D 37 27.38 3.76 -39.58
CA TRP D 37 28.50 4.07 -38.73
C TRP D 37 28.32 5.41 -38.02
N VAL D 38 28.43 5.38 -36.70
CA VAL D 38 28.32 6.59 -35.90
C VAL D 38 29.68 6.80 -35.25
N LEU D 39 30.09 8.05 -35.10
CA LEU D 39 31.36 8.39 -34.48
C LEU D 39 31.06 9.09 -33.17
N THR D 40 31.77 8.69 -32.12
CA THR D 40 31.60 9.25 -30.79
C THR D 40 32.92 9.27 -30.08
N ALA D 41 32.95 9.83 -28.87
CA ALA D 41 34.16 9.88 -28.09
C ALA D 41 34.25 8.58 -27.30
N ALA D 42 35.48 8.10 -27.11
CA ALA D 42 35.69 6.87 -26.38
C ALA D 42 35.15 6.93 -24.95
N HIS D 43 35.51 7.97 -24.20
CA HIS D 43 35.06 8.09 -22.81
C HIS D 43 33.57 8.01 -22.55
N CYS D 44 32.76 8.08 -23.61
CA CYS D 44 31.32 7.97 -23.45
C CYS D 44 30.91 6.52 -23.37
N LEU D 45 31.85 5.63 -23.64
CA LEU D 45 31.59 4.20 -23.61
C LEU D 45 32.52 3.53 -22.62
N LEU D 46 33.67 4.15 -22.39
CA LEU D 46 34.68 3.61 -21.48
C LEU D 46 35.45 4.69 -20.76
N TYR D 47 35.41 4.64 -19.44
CA TYR D 47 36.10 5.59 -18.57
C TYR D 47 35.95 5.10 -17.13
N PRO D 48 36.85 4.19 -16.72
CA PRO D 48 36.92 3.56 -15.40
C PRO D 48 36.64 4.38 -14.12
N PRO D 49 37.25 5.56 -13.96
CA PRO D 49 37.02 6.36 -12.75
C PRO D 49 35.55 6.61 -12.38
N TRP D 50 34.69 6.73 -13.38
CA TRP D 50 33.26 6.95 -13.17
C TRP D 50 32.54 5.61 -13.30
N ASP D 51 33.33 4.57 -13.53
CA ASP D 51 32.86 3.20 -13.70
C ASP D 51 32.17 2.98 -15.06
N LYS D 52 32.34 3.92 -15.99
CA LYS D 52 31.72 3.78 -17.29
C LYS D 52 32.42 2.77 -18.17
N ASN D 53 31.67 1.76 -18.61
CA ASN D 53 32.16 0.73 -19.51
C ASN D 53 30.93 0.02 -20.00
N PHE D 54 30.41 0.46 -21.15
CA PHE D 54 29.19 -0.10 -21.69
C PHE D 54 29.36 -1.19 -22.75
N ILE D 55 28.24 -1.82 -23.09
CA ILE D 55 28.19 -2.90 -24.07
C ILE D 55 27.15 -2.48 -25.09
N GLU D 56 27.32 -2.92 -26.33
CA GLU D 56 26.38 -2.59 -27.39
C GLU D 56 24.92 -2.83 -27.03
N ASN D 57 24.66 -3.87 -26.26
CA ASN D 57 23.28 -4.20 -25.89
C ASN D 57 22.65 -3.37 -24.78
N ASP D 58 23.36 -2.37 -24.26
CA ASP D 58 22.82 -1.55 -23.18
C ASP D 58 22.64 -0.10 -23.58
N LEU D 59 22.97 0.22 -24.83
CA LEU D 59 22.86 1.57 -25.34
C LEU D 59 21.88 1.66 -26.48
N LEU D 60 21.46 2.88 -26.76
CA LEU D 60 20.54 3.18 -27.85
C LEU D 60 21.07 4.38 -28.62
N VAL D 61 20.64 4.52 -29.86
CA VAL D 61 21.08 5.62 -30.69
C VAL D 61 19.88 6.37 -31.25
N ARG D 62 19.65 7.58 -30.77
CA ARG D 62 18.52 8.38 -31.25
C ARG D 62 19.03 9.38 -32.28
N ILE D 63 18.69 9.14 -33.55
CA ILE D 63 19.14 9.99 -34.65
C ILE D 63 18.03 10.91 -35.19
N GLY D 64 18.37 12.17 -35.43
CA GLY D 64 17.39 13.11 -35.97
C GLY D 64 16.47 13.75 -34.96
N LYS D 65 16.95 13.93 -33.74
CA LYS D 65 16.15 14.54 -32.69
C LYS D 65 16.19 16.04 -32.82
N HIS D 66 15.67 16.73 -31.82
CA HIS D 66 15.67 18.19 -31.80
C HIS D 66 15.34 18.55 -30.37
N SER D 67 14.20 18.07 -29.90
CA SER D 67 13.79 18.29 -28.54
C SER D 67 14.65 17.31 -27.78
N ARG D 68 15.15 17.73 -26.63
CA ARG D 68 16.01 16.86 -25.84
C ARG D 68 15.27 15.66 -25.26
N THR D 69 14.05 15.89 -24.82
CA THR D 69 13.25 14.86 -24.16
C THR D 69 12.14 14.16 -24.94
N ARG D 70 11.35 14.95 -25.65
CA ARG D 70 10.21 14.44 -26.39
C ARG D 70 10.49 13.40 -27.46
N TYR D 71 9.65 12.36 -27.49
CA TYR D 71 9.76 11.32 -28.49
C TYR D 71 9.21 11.93 -29.77
N GLU D 72 10.10 12.31 -30.68
CA GLU D 72 9.70 12.91 -31.94
C GLU D 72 9.28 11.83 -32.93
N ARG D 73 8.12 11.25 -32.64
CA ARG D 73 7.49 10.16 -33.38
C ARG D 73 7.94 9.91 -34.81
N ASN D 74 7.26 10.52 -35.77
CA ASN D 74 7.56 10.33 -37.18
C ASN D 74 8.88 10.92 -37.67
N ILE D 75 9.57 11.66 -36.82
CA ILE D 75 10.83 12.30 -37.24
C ILE D 75 12.11 11.56 -36.90
N GLU D 76 12.28 11.17 -35.63
CA GLU D 76 13.50 10.49 -35.22
C GLU D 76 13.52 8.99 -35.47
N LYS D 77 14.72 8.43 -35.43
CA LYS D 77 14.96 7.00 -35.61
C LYS D 77 15.80 6.56 -34.42
N ILE D 78 15.46 5.43 -33.82
CA ILE D 78 16.19 4.92 -32.65
C ILE D 78 16.74 3.53 -32.96
N SER D 79 18.04 3.44 -33.19
CA SER D 79 18.66 2.16 -33.53
C SER D 79 19.44 1.53 -32.38
N MET D 80 19.72 0.23 -32.53
CA MET D 80 20.48 -0.52 -31.55
C MET D 80 21.88 -0.72 -32.12
N LEU D 81 22.87 -0.92 -31.24
CA LEU D 81 24.25 -1.10 -31.66
C LEU D 81 24.64 -2.56 -31.84
N GLU D 82 25.45 -2.81 -32.87
CA GLU D 82 25.92 -4.16 -33.16
C GLU D 82 27.28 -4.37 -32.53
N LYS D 83 28.21 -3.45 -32.80
CA LYS D 83 29.55 -3.58 -32.24
C LYS D 83 30.18 -2.22 -32.01
N ILE D 84 30.88 -2.08 -30.89
CA ILE D 84 31.54 -0.83 -30.52
C ILE D 84 33.05 -0.96 -30.62
N TYR D 85 33.67 -0.19 -31.49
CA TYR D 85 35.10 -0.25 -31.65
C TYR D 85 35.74 0.94 -30.98
N ILE D 86 36.54 0.68 -29.93
CA ILE D 86 37.23 1.75 -29.23
C ILE D 86 38.69 1.70 -29.67
N HIS D 87 39.32 2.87 -29.72
CA HIS D 87 40.71 2.95 -30.14
C HIS D 87 41.63 2.29 -29.11
N PRO D 88 42.50 1.38 -29.55
CA PRO D 88 43.44 0.67 -28.68
C PRO D 88 44.49 1.55 -28.00
N ARG D 89 44.35 2.86 -28.09
CA ARG D 89 45.29 3.77 -27.46
C ARG D 89 44.55 4.88 -26.73
N TYR D 90 43.38 4.55 -26.21
CA TYR D 90 42.57 5.48 -25.46
C TYR D 90 43.28 5.69 -24.14
N ASN D 91 43.93 6.83 -23.98
CA ASN D 91 44.66 7.09 -22.75
C ASN D 91 43.81 7.81 -21.70
N TRP D 92 42.86 7.10 -21.10
CA TRP D 92 42.02 7.74 -20.07
C TRP D 92 42.80 7.87 -18.79
N ARG D 93 43.98 7.28 -18.78
CA ARG D 93 44.85 7.26 -17.62
C ARG D 93 45.40 8.63 -17.26
N GLU D 94 45.96 9.33 -18.23
CA GLU D 94 46.56 10.63 -17.94
C GLU D 94 46.33 11.75 -18.95
N ASN D 95 46.18 11.38 -20.21
CA ASN D 95 46.03 12.37 -21.25
C ASN D 95 44.66 12.53 -21.90
N LEU D 96 43.84 11.50 -21.86
CA LEU D 96 42.55 11.52 -22.54
C LEU D 96 42.88 11.70 -24.03
N ASP D 97 44.01 11.11 -24.40
CA ASP D 97 44.53 11.15 -25.77
C ASP D 97 43.83 10.06 -26.57
N ARG D 98 43.69 10.31 -27.87
CA ARG D 98 43.03 9.38 -28.77
C ARG D 98 41.67 9.00 -28.21
N ASP D 99 40.99 10.01 -27.71
CA ASP D 99 39.65 9.87 -27.16
C ASP D 99 38.68 9.78 -28.33
N ILE D 100 38.53 8.58 -28.89
CA ILE D 100 37.64 8.39 -30.03
C ILE D 100 37.07 6.97 -30.06
N ALA D 101 35.89 6.80 -30.67
CA ALA D 101 35.22 5.52 -30.78
C ALA D 101 34.19 5.49 -31.91
N LEU D 102 33.98 4.31 -32.46
CA LEU D 102 33.02 4.11 -33.53
C LEU D 102 32.02 3.05 -33.10
N MET D 103 30.77 3.21 -33.52
CA MET D 103 29.73 2.25 -33.18
C MET D 103 29.05 1.89 -34.47
N LYS D 104 28.75 0.62 -34.66
CA LYS D 104 28.08 0.19 -35.88
C LYS D 104 26.62 -0.17 -35.58
N LEU D 105 25.71 0.50 -36.26
CA LEU D 105 24.28 0.27 -36.07
C LEU D 105 23.89 -1.10 -36.62
N LYS D 106 22.94 -1.74 -35.95
CA LYS D 106 22.47 -3.06 -36.38
C LYS D 106 21.85 -3.00 -37.76
N LYS D 107 21.18 -1.89 -38.06
CA LYS D 107 20.56 -1.71 -39.37
C LYS D 107 20.79 -0.28 -39.85
N PRO D 108 21.01 -0.10 -41.17
CA PRO D 108 21.25 1.24 -41.71
C PRO D 108 20.05 2.16 -41.50
N VAL D 109 20.34 3.43 -41.24
CA VAL D 109 19.29 4.42 -41.03
C VAL D 109 18.93 5.04 -42.36
N ALA D 110 17.64 5.07 -42.68
CA ALA D 110 17.19 5.65 -43.94
C ALA D 110 17.33 7.15 -43.75
N PHE D 111 18.02 7.81 -44.67
CA PHE D 111 18.22 9.26 -44.59
C PHE D 111 16.94 10.01 -44.89
N SER D 112 16.85 11.22 -44.38
CA SER D 112 15.67 12.05 -44.59
C SER D 112 16.07 13.50 -44.48
N ASP D 113 15.09 14.39 -44.48
CA ASP D 113 15.33 15.82 -44.40
C ASP D 113 15.93 16.18 -43.05
N TYR D 114 15.84 15.27 -42.10
CA TYR D 114 16.35 15.52 -40.75
C TYR D 114 17.57 14.69 -40.36
N ILE D 115 17.89 13.69 -41.17
CA ILE D 115 19.03 12.80 -40.92
C ILE D 115 19.92 12.71 -42.17
N HIS D 116 21.18 13.12 -42.04
CA HIS D 116 22.15 13.11 -43.13
C HIS D 116 23.58 13.08 -42.54
N PRO D 117 24.46 12.23 -43.07
CA PRO D 117 25.83 12.12 -42.56
C PRO D 117 26.74 13.31 -42.82
N VAL D 118 27.66 13.55 -41.89
CA VAL D 118 28.62 14.64 -42.03
C VAL D 118 29.81 14.04 -42.78
N CYS D 119 30.60 14.89 -43.43
CA CYS D 119 31.75 14.40 -44.19
C CYS D 119 33.01 14.42 -43.33
N LEU D 120 33.86 13.42 -43.53
CA LEU D 120 35.13 13.37 -42.81
C LEU D 120 36.12 14.18 -43.65
N PRO D 121 36.95 15.02 -43.02
CA PRO D 121 37.93 15.84 -43.73
C PRO D 121 39.10 15.09 -44.39
N ASP D 122 39.47 15.55 -45.58
CA ASP D 122 40.58 14.95 -46.33
C ASP D 122 41.89 15.67 -45.95
N ARG D 123 43.02 15.04 -46.27
CA ARG D 123 44.35 15.56 -45.96
C ARG D 123 44.63 17.03 -46.24
N GLU D 124 43.79 17.64 -47.06
CA GLU D 124 44.01 19.03 -47.38
C GLU D 124 42.89 19.99 -47.00
N THR D 125 41.65 19.52 -46.98
CA THR D 125 40.52 20.35 -46.56
C THR D 125 40.77 20.56 -45.08
N ALA D 126 41.43 19.58 -44.47
CA ALA D 126 41.79 19.63 -43.07
C ALA D 126 42.80 20.75 -42.89
N ALA D 127 43.92 20.62 -43.60
CA ALA D 127 45.03 21.57 -43.55
C ALA D 127 44.59 23.02 -43.76
N SER D 128 43.77 23.25 -44.76
CA SER D 128 43.28 24.58 -45.07
C SER D 128 42.32 25.15 -44.03
N LEU D 129 41.50 24.28 -43.43
CA LEU D 129 40.53 24.73 -42.44
C LEU D 129 40.98 24.77 -40.99
N LEU D 130 41.66 23.73 -40.52
CA LEU D 130 42.13 23.70 -39.14
C LEU D 130 43.22 24.72 -38.91
N GLN D 131 42.85 25.98 -38.84
CA GLN D 131 43.84 27.04 -38.64
C GLN D 131 43.34 28.09 -37.66
N ALA D 132 44.16 28.35 -36.64
CA ALA D 132 43.87 29.34 -35.60
C ALA D 132 43.10 30.56 -36.08
N GLY D 133 41.88 30.72 -35.58
CA GLY D 133 41.05 31.84 -35.98
C GLY D 133 39.80 31.37 -36.70
N TYR D 134 39.92 30.31 -37.50
CA TYR D 134 38.79 29.78 -38.23
C TYR D 134 37.78 29.27 -37.21
N LYS D 135 36.51 29.62 -37.40
CA LYS D 135 35.47 29.21 -36.49
C LYS D 135 34.77 27.93 -36.89
N GLY D 136 34.38 27.16 -35.88
CA GLY D 136 33.69 25.91 -36.07
C GLY D 136 32.42 25.92 -35.24
N ARG D 137 31.56 24.95 -35.49
CA ARG D 137 30.29 24.85 -34.79
C ARG D 137 30.22 23.60 -33.92
N VAL D 138 29.79 23.77 -32.68
CA VAL D 138 29.66 22.67 -31.75
C VAL D 138 28.19 22.61 -31.38
N THR D 139 27.59 21.43 -31.45
CA THR D 139 26.18 21.27 -31.10
C THR D 139 26.01 20.19 -30.05
N GLY D 140 24.88 20.23 -29.33
CA GLY D 140 24.62 19.23 -28.33
C GLY D 140 23.54 19.65 -27.37
N TRP D 141 22.94 18.69 -26.68
CA TRP D 141 21.88 18.98 -25.73
C TRP D 141 22.40 19.07 -24.31
N GLY D 142 23.70 19.35 -24.18
CA GLY D 142 24.29 19.43 -22.86
C GLY D 142 23.94 20.65 -22.03
N ASN D 143 24.46 20.64 -20.81
CA ASN D 143 24.25 21.70 -19.83
C ASN D 143 24.40 23.12 -20.37
N LEU D 144 23.58 24.03 -19.86
CA LEU D 144 23.61 25.43 -20.28
C LEU D 144 24.60 26.21 -19.43
N LYS D 145 24.83 25.76 -18.21
CA LYS D 145 25.79 26.39 -17.30
C LYS D 145 26.66 25.33 -16.66
N GLU D 146 27.84 25.74 -16.19
CA GLU D 146 28.77 24.84 -15.52
C GLU D 146 27.99 24.18 -14.39
N THR D 147 27.38 25.03 -13.57
CA THR D 147 26.54 24.60 -12.45
C THR D 147 25.39 25.58 -12.56
N TRP D 148 24.19 25.08 -12.84
CA TRP D 148 23.04 25.94 -13.01
C TRP D 148 22.16 26.10 -11.79
N THR D 149 21.45 27.22 -11.74
CA THR D 149 20.53 27.49 -10.65
C THR D 149 19.13 27.16 -11.13
N ALA D 150 18.30 26.63 -10.24
CA ALA D 150 16.94 26.26 -10.59
C ALA D 150 15.97 27.41 -10.33
N ASN D 151 14.68 27.06 -10.31
CA ASN D 151 13.58 28.01 -10.06
C ASN D 151 13.44 29.14 -11.09
N VAL D 152 14.21 30.21 -10.94
CA VAL D 152 14.14 31.34 -11.87
C VAL D 152 14.95 31.00 -13.12
N GLY D 153 14.73 29.78 -13.63
CA GLY D 153 15.42 29.28 -14.80
C GLY D 153 15.78 27.84 -14.54
N LYS D 154 16.24 27.15 -15.57
CA LYS D 154 16.62 25.75 -15.45
C LYS D 154 18.09 25.62 -15.87
N GLY D 155 18.57 24.40 -15.98
CA GLY D 155 19.94 24.19 -16.40
C GLY D 155 20.04 23.40 -17.68
N GLN D 156 19.36 22.27 -17.75
CA GLN D 156 19.40 21.46 -18.96
C GLN D 156 18.52 22.17 -20.00
N PRO D 157 18.96 22.18 -21.26
CA PRO D 157 18.21 22.82 -22.34
C PRO D 157 16.98 22.04 -22.78
N SER D 158 16.14 22.71 -23.56
CA SER D 158 14.92 22.12 -24.08
C SER D 158 15.10 21.61 -25.51
N VAL D 159 15.71 22.46 -26.35
CA VAL D 159 15.96 22.14 -27.76
C VAL D 159 17.43 22.30 -28.10
N LEU D 160 17.94 21.41 -28.96
CA LEU D 160 19.34 21.40 -29.41
C LEU D 160 20.01 22.77 -29.42
N GLN D 161 21.20 22.84 -28.86
CA GLN D 161 21.94 24.09 -28.77
C GLN D 161 23.09 24.15 -29.77
N VAL D 162 23.29 25.32 -30.35
CA VAL D 162 24.36 25.55 -31.32
C VAL D 162 25.24 26.71 -30.86
N VAL D 163 26.52 26.65 -31.19
CA VAL D 163 27.49 27.68 -30.83
C VAL D 163 28.71 27.61 -31.74
N ASN D 164 29.26 28.78 -32.11
CA ASN D 164 30.44 28.84 -32.98
C ASN D 164 31.69 29.25 -32.22
N LEU D 165 32.69 28.40 -32.22
CA LEU D 165 33.93 28.68 -31.50
C LEU D 165 35.11 28.71 -32.44
N PRO D 166 36.04 29.63 -32.21
CA PRO D 166 37.25 29.80 -33.02
C PRO D 166 38.34 28.84 -32.58
N ILE D 167 39.02 28.23 -33.53
CA ILE D 167 40.11 27.32 -33.20
C ILE D 167 41.21 28.17 -32.58
N VAL D 168 41.76 27.73 -31.46
CA VAL D 168 42.81 28.50 -30.78
C VAL D 168 44.22 28.03 -31.09
N GLU D 169 45.18 28.95 -31.07
CA GLU D 169 46.59 28.66 -31.34
C GLU D 169 47.18 27.67 -30.32
N ARG D 170 47.82 26.63 -30.84
CA ARG D 170 48.43 25.57 -30.03
C ARG D 170 49.07 25.98 -28.71
N PRO D 171 50.09 26.85 -28.75
CA PRO D 171 50.78 27.29 -27.53
C PRO D 171 49.85 27.74 -26.39
N VAL D 172 48.81 28.48 -26.72
CA VAL D 172 47.88 28.95 -25.69
C VAL D 172 47.12 27.76 -25.11
N CYS D 173 46.72 26.83 -25.98
CA CYS D 173 46.02 25.64 -25.53
C CYS D 173 46.90 25.00 -24.48
N LYS D 174 48.17 24.79 -24.83
CA LYS D 174 49.12 24.16 -23.91
C LYS D 174 49.23 24.93 -22.60
N ASP D 175 49.41 26.23 -22.70
CA ASP D 175 49.55 27.06 -21.51
C ASP D 175 48.27 27.29 -20.71
N SER D 176 47.17 26.65 -21.08
CA SER D 176 45.92 26.85 -20.36
C SER D 176 45.60 25.74 -19.36
N THR D 177 46.19 24.57 -19.55
CA THR D 177 45.91 23.45 -18.64
C THR D 177 47.17 22.75 -18.16
N ARG D 178 47.03 22.03 -17.05
CA ARG D 178 48.14 21.27 -16.47
C ARG D 178 48.21 19.91 -17.18
N ILE D 179 47.10 19.53 -17.81
CA ILE D 179 46.99 18.26 -18.52
C ILE D 179 47.72 18.28 -19.88
N ARG D 180 48.82 17.52 -19.95
CA ARG D 180 49.64 17.43 -21.16
C ARG D 180 48.84 17.27 -22.45
N ILE D 181 49.08 18.17 -23.39
CA ILE D 181 48.40 18.16 -24.69
C ILE D 181 49.13 17.23 -25.66
N THR D 182 48.49 16.87 -26.76
CA THR D 182 49.15 16.02 -27.76
C THR D 182 48.70 16.43 -29.13
N ASP D 183 49.37 15.89 -30.15
CA ASP D 183 49.05 16.20 -31.53
C ASP D 183 47.65 15.72 -31.92
N ASN D 184 47.14 14.72 -31.20
CA ASN D 184 45.84 14.16 -31.50
C ASN D 184 44.70 15.03 -30.96
N MET D 185 45.01 16.23 -30.48
CA MET D 185 43.99 17.10 -29.93
C MET D 185 44.18 18.52 -30.42
N PHE D 186 43.16 19.35 -30.23
CA PHE D 186 43.23 20.75 -30.59
C PHE D 186 42.24 21.46 -29.69
N CYS D 187 42.41 22.75 -29.47
CA CYS D 187 41.49 23.43 -28.59
C CYS D 187 40.79 24.60 -29.27
N ALA D 188 39.63 24.96 -28.76
CA ALA D 188 38.87 26.07 -29.31
C ALA D 188 38.15 26.81 -28.18
N GLY D 189 37.75 28.05 -28.47
CA GLY D 189 37.07 28.88 -27.48
C GLY D 189 37.65 30.28 -27.54
N TYR D 190 36.88 31.30 -27.20
CA TYR D 190 37.38 32.68 -27.26
C TYR D 190 38.36 33.00 -26.14
N LYS D 191 39.27 33.93 -26.42
CA LYS D 191 40.24 34.37 -25.42
C LYS D 191 39.52 35.40 -24.55
N PRO D 192 39.93 35.54 -23.28
CA PRO D 192 39.34 36.48 -22.32
C PRO D 192 39.01 37.87 -22.85
N ASP D 193 40.01 38.57 -23.36
CA ASP D 193 39.81 39.92 -23.87
C ASP D 193 38.95 40.04 -25.13
N GLU D 194 38.69 38.91 -25.80
CA GLU D 194 37.89 38.92 -27.03
C GLU D 194 36.43 39.32 -26.78
N GLY D 195 35.95 39.11 -25.56
CA GLY D 195 34.58 39.47 -25.22
C GLY D 195 33.56 38.35 -25.40
N LYS D 196 33.39 37.89 -26.63
CA LYS D 196 32.44 36.82 -26.93
C LYS D 196 32.86 35.55 -26.19
N ARG D 197 31.89 34.76 -25.76
CA ARG D 197 32.17 33.54 -25.03
C ARG D 197 31.26 32.41 -25.45
N GLY D 198 31.52 31.21 -24.91
CA GLY D 198 30.72 30.04 -25.22
C GLY D 198 31.63 28.83 -25.21
N ASP D 199 31.06 27.65 -24.94
CA ASP D 199 31.81 26.40 -24.87
C ASP D 199 30.87 25.25 -24.62
N ALA D 200 31.21 24.07 -25.11
CA ALA D 200 30.39 22.90 -24.86
C ALA D 200 30.52 22.66 -23.36
N CYS D 201 29.75 21.73 -22.83
CA CYS D 201 29.78 21.43 -21.42
C CYS D 201 29.33 19.99 -21.23
N GLU D 202 29.24 19.53 -19.99
CA GLU D 202 28.82 18.15 -19.69
C GLU D 202 27.59 17.74 -20.48
N GLY D 203 27.60 16.54 -21.04
CA GLY D 203 26.48 16.08 -21.82
C GLY D 203 26.64 16.40 -23.28
N ASP D 204 27.65 17.20 -23.61
CA ASP D 204 27.95 17.56 -25.00
C ASP D 204 29.07 16.70 -25.55
N SER D 205 29.74 15.97 -24.66
CA SER D 205 30.85 15.09 -25.05
C SER D 205 30.45 14.20 -26.22
N GLY D 206 31.40 13.89 -27.10
CA GLY D 206 31.08 13.06 -28.25
C GLY D 206 30.45 13.87 -29.37
N GLY D 207 30.10 15.11 -29.07
CA GLY D 207 29.51 15.97 -30.07
C GLY D 207 30.51 16.45 -31.10
N PRO D 208 30.06 16.71 -32.33
CA PRO D 208 30.91 17.16 -33.42
C PRO D 208 31.19 18.67 -33.50
N PHE D 209 32.43 19.00 -33.80
CA PHE D 209 32.87 20.36 -33.97
C PHE D 209 33.05 20.37 -35.49
N VAL D 210 32.05 20.89 -36.21
CA VAL D 210 32.08 20.92 -37.68
C VAL D 210 32.32 22.29 -38.27
N MET D 211 32.82 22.32 -39.50
CA MET D 211 33.14 23.55 -40.23
C MET D 211 32.64 23.40 -41.66
N LYS D 212 32.54 24.51 -42.39
CA LYS D 212 32.05 24.48 -43.76
C LYS D 212 33.10 24.95 -44.77
N SER D 213 33.52 24.02 -45.63
CA SER D 213 34.52 24.34 -46.63
C SER D 213 33.98 25.27 -47.69
N PRO D 214 34.62 26.43 -47.88
CA PRO D 214 34.15 27.38 -48.89
C PRO D 214 34.30 26.77 -50.29
N PHE D 215 35.08 25.71 -50.39
CA PHE D 215 35.34 25.05 -51.66
C PHE D 215 34.17 24.30 -52.28
N ASN D 216 33.26 23.79 -51.43
CA ASN D 216 32.13 23.02 -51.95
C ASN D 216 30.87 23.10 -51.12
N ASN D 217 30.90 23.90 -50.06
CA ASN D 217 29.75 24.06 -49.18
C ASN D 217 29.40 22.82 -48.39
N ARG D 218 30.33 21.89 -48.29
CA ARG D 218 30.10 20.66 -47.53
C ARG D 218 30.45 20.85 -46.06
N TRP D 219 29.77 20.13 -45.18
CA TRP D 219 30.03 20.21 -43.75
C TRP D 219 30.98 19.10 -43.29
N TYR D 220 32.16 19.50 -42.86
CA TYR D 220 33.18 18.55 -42.42
C TYR D 220 33.32 18.51 -40.91
N GLN D 221 33.59 17.33 -40.38
CA GLN D 221 33.77 17.18 -38.95
C GLN D 221 35.25 17.20 -38.58
N MET D 222 35.69 18.32 -38.04
CA MET D 222 37.09 18.48 -37.66
C MET D 222 37.40 17.95 -36.29
N GLY D 223 36.53 18.21 -35.33
CA GLY D 223 36.81 17.73 -33.99
C GLY D 223 35.65 17.09 -33.26
N ILE D 224 35.95 16.50 -32.11
CA ILE D 224 34.97 15.83 -31.27
C ILE D 224 35.12 16.36 -29.86
N VAL D 225 34.02 16.73 -29.23
CA VAL D 225 34.05 17.23 -27.87
C VAL D 225 34.66 16.17 -26.95
N SER D 226 35.85 16.43 -26.42
CA SER D 226 36.54 15.50 -25.55
C SER D 226 36.52 15.87 -24.06
N TRP D 227 37.45 16.74 -23.66
CA TRP D 227 37.56 17.15 -22.25
C TRP D 227 37.76 18.65 -22.11
N GLY D 228 37.86 19.11 -20.87
CA GLY D 228 38.08 20.52 -20.60
C GLY D 228 38.07 20.79 -19.11
N GLU D 229 38.34 22.04 -18.75
CA GLU D 229 38.32 22.45 -17.35
C GLU D 229 37.09 23.33 -17.15
N GLY D 230 36.14 22.82 -16.38
CA GLY D 230 34.91 23.56 -16.13
C GLY D 230 34.08 23.77 -17.38
N CYS D 231 33.30 24.84 -17.40
CA CYS D 231 32.47 25.18 -18.54
C CYS D 231 32.40 26.68 -18.66
N ASP D 232 32.89 27.19 -19.78
CA ASP D 232 32.88 28.62 -20.06
C ASP D 232 33.76 29.42 -19.09
N ARG D 233 34.81 28.80 -18.58
CA ARG D 233 35.71 29.49 -17.67
C ARG D 233 36.65 30.43 -18.40
N ASP D 234 36.82 31.64 -17.87
CA ASP D 234 37.73 32.62 -18.49
C ASP D 234 39.16 32.17 -18.32
N GLY D 235 39.76 31.73 -19.42
CA GLY D 235 41.14 31.29 -19.37
C GLY D 235 41.30 29.88 -19.89
N LYS D 236 40.26 29.07 -19.79
CA LYS D 236 40.34 27.69 -20.27
C LYS D 236 39.77 27.64 -21.67
N TYR D 237 40.09 26.57 -22.37
CA TYR D 237 39.62 26.34 -23.72
C TYR D 237 39.23 24.87 -23.78
N GLY D 238 38.24 24.55 -24.60
CA GLY D 238 37.79 23.18 -24.69
C GLY D 238 38.71 22.40 -25.59
N PHE D 239 38.91 21.13 -25.29
CA PHE D 239 39.77 20.29 -26.12
C PHE D 239 38.93 19.28 -26.89
N TYR D 240 39.11 19.29 -28.20
CA TYR D 240 38.36 18.42 -29.09
C TYR D 240 39.34 17.45 -29.75
N THR D 241 38.93 16.20 -29.96
CA THR D 241 39.79 15.21 -30.59
C THR D 241 39.99 15.53 -32.06
N HIS D 242 41.24 15.45 -32.49
CA HIS D 242 41.67 15.74 -33.85
C HIS D 242 41.24 14.61 -34.79
N VAL D 243 40.01 14.65 -35.27
CA VAL D 243 39.49 13.62 -36.19
C VAL D 243 40.39 13.34 -37.39
N PHE D 244 40.73 14.38 -38.15
CA PHE D 244 41.58 14.22 -39.32
C PHE D 244 42.81 13.33 -39.14
N ARG D 245 43.37 13.31 -37.93
CA ARG D 245 44.54 12.47 -37.67
C ARG D 245 44.14 11.01 -37.47
N LEU D 246 43.23 10.77 -36.52
CA LEU D 246 42.75 9.42 -36.24
C LEU D 246 41.99 8.82 -37.41
N LYS D 247 41.74 9.61 -38.45
CA LYS D 247 41.02 9.18 -39.64
C LYS D 247 41.59 7.88 -40.18
N LYS D 248 42.92 7.76 -40.17
CA LYS D 248 43.60 6.57 -40.68
C LYS D 248 43.06 5.31 -40.01
N TRP D 249 42.71 5.45 -38.73
CA TRP D 249 42.16 4.36 -37.94
C TRP D 249 40.69 4.13 -38.31
N ILE D 250 39.90 5.20 -38.30
CA ILE D 250 38.49 5.13 -38.63
C ILE D 250 38.26 4.42 -39.97
N GLN D 251 38.97 4.87 -41.01
CA GLN D 251 38.82 4.28 -42.33
C GLN D 251 39.22 2.82 -42.29
N LYS D 252 40.25 2.51 -41.51
CA LYS D 252 40.70 1.14 -41.37
C LYS D 252 39.56 0.28 -40.80
N VAL D 253 39.09 0.63 -39.61
CA VAL D 253 38.01 -0.11 -38.97
C VAL D 253 36.66 -0.03 -39.68
N ILE D 254 36.53 0.88 -40.65
CA ILE D 254 35.28 0.98 -41.40
C ILE D 254 35.25 -0.19 -42.39
N ASP D 255 36.43 -0.67 -42.77
CA ASP D 255 36.50 -1.86 -43.62
C ASP D 255 36.29 -3.03 -42.64
N GLN D 256 36.19 -2.68 -41.36
CA GLN D 256 35.95 -3.59 -40.24
C GLN D 256 36.85 -4.81 -40.10
N PHE D 257 36.66 -5.50 -38.97
CA PHE D 257 37.40 -6.71 -38.60
C PHE D 257 38.81 -6.34 -38.19
N ILE E 1 -0.57 4.94 10.59
CA ILE E 1 -1.37 6.10 10.08
C ILE E 1 -1.36 7.13 11.19
N VAL E 2 -0.86 8.31 10.88
CA VAL E 2 -0.81 9.39 11.85
C VAL E 2 -2.20 10.00 11.93
N GLU E 3 -2.57 10.46 13.13
CA GLU E 3 -3.88 11.08 13.36
C GLU E 3 -5.03 10.36 12.68
N GLY E 4 -5.23 9.10 13.05
CA GLY E 4 -6.31 8.33 12.46
C GLY E 4 -7.17 7.74 13.56
N SER E 5 -8.11 6.87 13.19
CA SER E 5 -8.99 6.23 14.16
C SER E 5 -9.11 4.76 13.78
N ASP E 6 -9.42 3.92 14.76
CA ASP E 6 -9.56 2.49 14.49
C ASP E 6 -10.68 2.29 13.49
N ALA E 7 -10.45 1.46 12.49
CA ALA E 7 -11.45 1.18 11.48
C ALA E 7 -12.51 0.26 12.07
N GLU E 8 -13.74 0.37 11.57
CA GLU E 8 -14.84 -0.48 12.04
C GLU E 8 -14.67 -1.89 11.46
N ILE E 9 -15.19 -2.89 12.15
CA ILE E 9 -15.08 -4.26 11.68
C ILE E 9 -15.60 -4.35 10.25
N GLY E 10 -14.78 -4.86 9.34
CA GLY E 10 -15.20 -5.00 7.96
C GLY E 10 -15.41 -3.75 7.13
N MET E 11 -14.96 -2.60 7.60
CA MET E 11 -15.13 -1.37 6.83
C MET E 11 -14.06 -1.22 5.74
N SER E 12 -13.26 -2.26 5.55
CA SER E 12 -12.19 -2.23 4.55
C SER E 12 -11.73 -3.65 4.14
N PRO E 13 -12.66 -4.47 3.64
CA PRO E 13 -12.40 -5.85 3.20
C PRO E 13 -11.33 -6.10 2.14
N TRP E 14 -10.86 -5.06 1.46
CA TRP E 14 -9.83 -5.25 0.44
C TRP E 14 -8.43 -5.17 1.02
N GLN E 15 -8.32 -4.59 2.22
CA GLN E 15 -7.03 -4.42 2.90
C GLN E 15 -6.29 -5.75 3.04
N VAL E 16 -5.03 -5.74 2.65
CA VAL E 16 -4.20 -6.94 2.71
C VAL E 16 -2.95 -6.63 3.52
N MET E 17 -2.34 -7.65 4.11
CA MET E 17 -1.14 -7.47 4.90
C MET E 17 0.00 -8.28 4.29
N LEU E 18 1.09 -7.61 3.92
CA LEU E 18 2.27 -8.28 3.37
C LEU E 18 3.15 -8.63 4.56
N PHE E 19 3.17 -9.92 4.88
CA PHE E 19 3.88 -10.47 6.02
C PHE E 19 5.14 -11.22 5.60
N ARG E 20 6.27 -10.87 6.19
CA ARG E 20 7.53 -11.54 5.89
C ARG E 20 7.63 -12.79 6.76
N LYS E 21 8.01 -13.91 6.15
CA LYS E 21 8.11 -15.18 6.88
C LYS E 21 9.08 -15.17 8.04
N SER E 22 10.36 -14.93 7.75
CA SER E 22 11.37 -14.91 8.79
C SER E 22 12.49 -13.94 8.45
N PRO E 23 12.70 -12.93 9.31
CA PRO E 23 11.94 -12.71 10.54
C PRO E 23 10.49 -12.32 10.28
N GLN E 24 9.61 -12.65 11.21
CA GLN E 24 8.21 -12.23 11.14
C GLN E 24 8.12 -10.72 11.32
N GLU E 25 7.71 -10.03 10.27
CA GLU E 25 7.55 -8.58 10.31
C GLU E 25 6.54 -8.11 9.27
N LEU E 26 5.83 -7.04 9.59
CA LEU E 26 4.84 -6.45 8.70
C LEU E 26 5.64 -5.59 7.72
N LEU E 27 5.51 -5.86 6.42
CA LEU E 27 6.25 -5.12 5.40
C LEU E 27 5.47 -4.02 4.72
N CYS E 28 4.27 -4.36 4.27
CA CYS E 28 3.43 -3.41 3.56
C CYS E 28 1.98 -3.79 3.58
N GLY E 29 1.18 -2.89 3.03
CA GLY E 29 -0.25 -3.11 2.91
C GLY E 29 -0.48 -3.39 1.43
N ALA E 30 -1.67 -3.87 1.11
CA ALA E 30 -1.99 -4.18 -0.28
C ALA E 30 -3.50 -4.23 -0.36
N SER E 31 -4.05 -4.49 -1.54
CA SER E 31 -5.49 -4.57 -1.68
C SER E 31 -5.92 -5.62 -2.67
N LEU E 32 -6.98 -6.35 -2.32
CA LEU E 32 -7.52 -7.41 -3.16
C LEU E 32 -8.28 -6.78 -4.33
N ILE E 33 -7.90 -7.12 -5.56
CA ILE E 33 -8.60 -6.59 -6.75
C ILE E 33 -9.34 -7.67 -7.53
N SER E 34 -8.87 -8.90 -7.46
CA SER E 34 -9.54 -10.05 -8.11
C SER E 34 -9.30 -11.20 -7.15
N ASP E 35 -10.10 -12.24 -7.24
CA ASP E 35 -9.95 -13.36 -6.32
C ASP E 35 -8.56 -13.97 -6.17
N ARG E 36 -7.64 -13.68 -7.09
CA ARG E 36 -6.29 -14.21 -6.98
C ARG E 36 -5.20 -13.16 -7.22
N TRP E 37 -5.60 -11.95 -7.58
CA TRP E 37 -4.64 -10.89 -7.84
C TRP E 37 -4.67 -9.79 -6.78
N VAL E 38 -3.50 -9.51 -6.22
CA VAL E 38 -3.34 -8.48 -5.20
C VAL E 38 -2.50 -7.37 -5.82
N LEU E 39 -2.65 -6.15 -5.32
CA LEU E 39 -1.89 -5.02 -5.82
C LEU E 39 -1.11 -4.43 -4.64
N THR E 40 0.09 -3.93 -4.91
CA THR E 40 0.91 -3.32 -3.88
C THR E 40 1.92 -2.39 -4.56
N ALA E 41 2.64 -1.60 -3.76
CA ALA E 41 3.63 -0.69 -4.30
C ALA E 41 4.88 -1.49 -4.61
N ALA E 42 5.54 -1.17 -5.71
CA ALA E 42 6.76 -1.84 -6.12
C ALA E 42 7.86 -1.81 -5.06
N HIS E 43 8.07 -0.66 -4.44
CA HIS E 43 9.12 -0.54 -3.43
C HIS E 43 8.93 -1.46 -2.21
N CYS E 44 7.79 -2.11 -2.10
CA CYS E 44 7.55 -3.02 -0.99
C CYS E 44 8.31 -4.32 -1.26
N LEU E 45 8.66 -4.52 -2.53
CA LEU E 45 9.34 -5.72 -2.96
C LEU E 45 10.76 -5.45 -3.41
N LEU E 46 10.96 -4.37 -4.15
CA LEU E 46 12.29 -4.04 -4.68
C LEU E 46 12.77 -2.59 -4.44
N TYR E 47 13.70 -2.45 -3.51
CA TYR E 47 14.26 -1.15 -3.20
C TYR E 47 15.66 -1.41 -2.69
N PRO E 48 16.62 -1.46 -3.63
CA PRO E 48 18.05 -1.69 -3.45
C PRO E 48 18.75 -0.98 -2.29
N PRO E 49 18.56 0.34 -2.14
CA PRO E 49 19.22 1.04 -1.04
C PRO E 49 18.98 0.44 0.35
N TRP E 50 18.00 -0.45 0.44
CA TRP E 50 17.66 -1.09 1.71
C TRP E 50 17.88 -2.60 1.65
N ASP E 51 18.62 -3.06 0.64
CA ASP E 51 18.91 -4.47 0.41
C ASP E 51 17.60 -5.27 0.27
N LYS E 52 16.57 -4.59 -0.24
CA LYS E 52 15.26 -5.21 -0.43
C LYS E 52 14.97 -5.69 -1.84
N ASN E 53 14.79 -7.00 -1.95
CA ASN E 53 14.45 -7.65 -3.22
C ASN E 53 13.87 -8.97 -2.77
N PHE E 54 12.58 -8.93 -2.43
CA PHE E 54 11.88 -10.09 -1.93
C PHE E 54 11.41 -11.04 -3.02
N ILE E 55 11.97 -12.25 -2.98
CA ILE E 55 11.62 -13.32 -3.90
C ILE E 55 10.20 -13.72 -3.51
N GLU E 56 9.42 -14.21 -4.47
CA GLU E 56 8.04 -14.63 -4.22
C GLU E 56 7.84 -15.65 -3.08
N ASN E 57 8.92 -16.09 -2.44
CA ASN E 57 8.82 -17.05 -1.34
C ASN E 57 9.20 -16.45 0.00
N ASP E 58 9.65 -15.21 0.02
CA ASP E 58 10.07 -14.57 1.28
C ASP E 58 8.91 -13.99 2.08
N LEU E 59 7.79 -13.78 1.41
CA LEU E 59 6.61 -13.18 2.01
C LEU E 59 5.44 -14.11 2.21
N LEU E 60 4.42 -13.56 2.87
CA LEU E 60 3.17 -14.21 3.18
C LEU E 60 2.15 -13.09 3.11
N VAL E 61 0.91 -13.43 2.78
CA VAL E 61 -0.15 -12.44 2.68
C VAL E 61 -1.32 -12.84 3.56
N ARG E 62 -1.65 -11.99 4.52
CA ARG E 62 -2.77 -12.25 5.42
C ARG E 62 -3.91 -11.32 5.00
N ILE E 63 -4.96 -11.91 4.43
CA ILE E 63 -6.13 -11.17 3.94
C ILE E 63 -7.32 -11.17 4.91
N GLY E 64 -8.04 -10.05 4.95
CA GLY E 64 -9.20 -9.92 5.82
C GLY E 64 -8.88 -9.82 7.30
N LYS E 65 -7.92 -8.97 7.65
CA LYS E 65 -7.53 -8.80 9.06
C LYS E 65 -7.95 -7.45 9.62
N HIS E 66 -8.18 -7.43 10.93
CA HIS E 66 -8.56 -6.22 11.65
C HIS E 66 -7.50 -5.93 12.72
N SER E 67 -7.06 -6.97 13.42
CA SER E 67 -6.04 -6.84 14.44
C SER E 67 -4.71 -7.10 13.77
N ARG E 68 -3.71 -6.30 14.14
CA ARG E 68 -2.39 -6.36 13.57
C ARG E 68 -1.57 -7.58 13.96
N THR E 69 -1.53 -7.88 15.24
CA THR E 69 -0.76 -8.98 15.80
C THR E 69 -1.47 -10.33 15.86
N ARG E 70 -2.59 -10.34 16.58
CA ARG E 70 -3.35 -11.56 16.76
C ARG E 70 -3.67 -12.29 15.48
N TYR E 71 -3.83 -13.59 15.59
CA TYR E 71 -4.16 -14.44 14.48
C TYR E 71 -5.69 -14.65 14.49
N GLU E 72 -6.41 -13.86 13.70
CA GLU E 72 -7.87 -13.98 13.62
C GLU E 72 -8.19 -15.34 13.01
N ARG E 73 -8.24 -16.36 13.85
CA ARG E 73 -8.47 -17.73 13.41
C ARG E 73 -9.36 -17.98 12.19
N ASN E 74 -10.64 -18.26 12.38
CA ASN E 74 -11.49 -18.52 11.22
C ASN E 74 -12.05 -17.25 10.57
N ILE E 75 -11.21 -16.23 10.47
CA ILE E 75 -11.61 -14.97 9.86
C ILE E 75 -10.61 -14.58 8.78
N GLU E 76 -9.35 -14.44 9.15
CA GLU E 76 -8.35 -14.07 8.16
C GLU E 76 -8.03 -15.23 7.24
N LYS E 77 -7.34 -14.94 6.14
CA LYS E 77 -6.95 -15.96 5.17
C LYS E 77 -5.51 -15.72 4.79
N ILE E 78 -4.64 -16.66 5.15
CA ILE E 78 -3.23 -16.51 4.83
C ILE E 78 -2.94 -17.23 3.51
N SER E 79 -2.49 -16.49 2.51
CA SER E 79 -2.22 -17.07 1.20
C SER E 79 -0.76 -16.91 0.75
N MET E 80 -0.28 -17.85 -0.05
CA MET E 80 1.08 -17.79 -0.55
C MET E 80 1.05 -17.24 -1.96
N LEU E 81 2.15 -16.63 -2.37
CA LEU E 81 2.27 -16.05 -3.71
C LEU E 81 2.93 -17.00 -4.68
N GLU E 82 2.49 -16.93 -5.94
CA GLU E 82 3.01 -17.75 -7.02
C GLU E 82 4.09 -16.97 -7.76
N LYS E 83 3.82 -15.69 -8.02
CA LYS E 83 4.79 -14.85 -8.71
C LYS E 83 4.54 -13.36 -8.52
N ILE E 84 5.65 -12.62 -8.40
CA ILE E 84 5.65 -11.18 -8.22
C ILE E 84 5.89 -10.49 -9.55
N TYR E 85 5.07 -9.48 -9.86
CA TYR E 85 5.19 -8.71 -11.10
C TYR E 85 5.36 -7.23 -10.79
N ILE E 86 6.60 -6.76 -10.84
CA ILE E 86 6.90 -5.36 -10.59
C ILE E 86 6.86 -4.60 -11.92
N HIS E 87 6.44 -3.34 -11.88
CA HIS E 87 6.37 -2.56 -13.10
C HIS E 87 7.72 -2.41 -13.77
N PRO E 88 7.75 -2.59 -15.09
CA PRO E 88 8.96 -2.48 -15.90
C PRO E 88 9.74 -1.17 -15.75
N ARG E 89 9.09 -0.03 -15.98
CA ARG E 89 9.77 1.26 -15.90
C ARG E 89 9.81 1.86 -14.50
N TYR E 90 9.73 1.00 -13.49
CA TYR E 90 9.77 1.42 -12.09
C TYR E 90 11.09 2.14 -11.84
N ASN E 91 11.02 3.43 -11.54
CA ASN E 91 12.23 4.21 -11.32
C ASN E 91 12.45 4.51 -9.85
N TRP E 92 13.12 3.60 -9.17
CA TRP E 92 13.41 3.77 -7.74
C TRP E 92 14.61 4.68 -7.47
N ARG E 93 15.41 4.97 -8.50
CA ARG E 93 16.58 5.82 -8.31
C ARG E 93 16.22 7.29 -8.23
N GLU E 94 15.24 7.70 -9.02
CA GLU E 94 14.86 9.11 -9.06
C GLU E 94 13.73 9.61 -8.15
N ASN E 95 12.55 9.00 -8.24
CA ASN E 95 11.41 9.46 -7.43
C ASN E 95 10.34 8.40 -7.31
N LEU E 96 10.73 7.13 -7.44
CA LEU E 96 9.78 6.04 -7.34
C LEU E 96 8.68 6.15 -8.38
N ASP E 97 9.04 6.62 -9.57
CA ASP E 97 8.06 6.75 -10.62
C ASP E 97 7.57 5.35 -10.94
N ARG E 98 6.29 5.24 -11.27
CA ARG E 98 5.68 3.95 -11.61
C ARG E 98 5.86 2.89 -10.53
N ASP E 99 5.70 3.36 -9.29
CA ASP E 99 5.81 2.55 -8.09
C ASP E 99 4.59 1.64 -7.96
N ILE E 100 4.44 0.69 -8.87
CA ILE E 100 3.32 -0.22 -8.82
C ILE E 100 3.79 -1.65 -9.05
N ALA E 101 3.12 -2.60 -8.41
CA ALA E 101 3.47 -4.02 -8.54
C ALA E 101 2.27 -4.92 -8.21
N LEU E 102 2.18 -6.04 -8.92
CA LEU E 102 1.10 -7.00 -8.72
C LEU E 102 1.67 -8.29 -8.14
N MET E 103 0.85 -9.05 -7.43
CA MET E 103 1.29 -10.32 -6.85
C MET E 103 0.20 -11.36 -7.08
N LYS E 104 0.54 -12.46 -7.70
CA LYS E 104 -0.45 -13.50 -7.95
C LYS E 104 -0.49 -14.53 -6.82
N LEU E 105 -1.68 -14.81 -6.31
CA LEU E 105 -1.85 -15.77 -5.23
C LEU E 105 -1.88 -17.20 -5.77
N LYS E 106 -1.37 -18.12 -4.96
CA LYS E 106 -1.34 -19.52 -5.33
C LYS E 106 -2.74 -20.09 -5.53
N LYS E 107 -3.71 -19.57 -4.79
CA LYS E 107 -5.09 -20.03 -4.91
C LYS E 107 -6.08 -18.91 -4.63
N PRO E 108 -7.12 -18.77 -5.47
CA PRO E 108 -8.17 -17.75 -5.34
C PRO E 108 -8.90 -17.80 -4.01
N VAL E 109 -8.73 -16.75 -3.21
CA VAL E 109 -9.35 -16.67 -1.90
C VAL E 109 -10.86 -16.49 -1.96
N ALA E 110 -11.59 -17.41 -1.31
CA ALA E 110 -13.04 -17.35 -1.27
C ALA E 110 -13.39 -16.10 -0.52
N PHE E 111 -14.36 -15.35 -1.03
CA PHE E 111 -14.75 -14.12 -0.36
C PHE E 111 -15.70 -14.38 0.81
N SER E 112 -15.64 -13.51 1.81
CA SER E 112 -16.46 -13.62 3.01
C SER E 112 -16.96 -12.22 3.36
N ASP E 113 -17.49 -12.06 4.57
CA ASP E 113 -17.99 -10.75 4.98
C ASP E 113 -16.82 -9.82 5.28
N TYR E 114 -15.65 -10.40 5.52
CA TYR E 114 -14.46 -9.61 5.84
C TYR E 114 -13.46 -9.54 4.69
N ILE E 115 -13.70 -10.30 3.63
CA ILE E 115 -12.80 -10.33 2.49
C ILE E 115 -13.52 -10.06 1.16
N HIS E 116 -13.28 -8.88 0.60
CA HIS E 116 -13.93 -8.51 -0.65
C HIS E 116 -13.06 -7.61 -1.54
N PRO E 117 -13.01 -7.88 -2.87
CA PRO E 117 -12.21 -7.09 -3.82
C PRO E 117 -12.74 -5.69 -4.11
N VAL E 118 -11.82 -4.75 -4.31
CA VAL E 118 -12.17 -3.37 -4.62
C VAL E 118 -12.22 -3.21 -6.14
N CYS E 119 -13.00 -2.26 -6.64
CA CYS E 119 -13.10 -2.04 -8.08
C CYS E 119 -12.04 -1.09 -8.54
N LEU E 120 -11.40 -1.40 -9.66
CA LEU E 120 -10.38 -0.52 -10.20
C LEU E 120 -11.15 0.59 -10.93
N PRO E 121 -10.56 1.79 -10.99
CA PRO E 121 -11.24 2.89 -11.68
C PRO E 121 -11.30 2.68 -13.18
N ASP E 122 -12.01 3.58 -13.85
CA ASP E 122 -12.17 3.56 -15.29
C ASP E 122 -12.08 5.04 -15.66
N ARG E 123 -11.78 5.34 -16.92
CA ARG E 123 -11.65 6.72 -17.38
C ARG E 123 -12.70 7.66 -16.78
N GLU E 124 -13.96 7.35 -17.01
CA GLU E 124 -15.08 8.15 -16.52
C GLU E 124 -14.93 8.50 -15.04
N THR E 125 -15.16 7.52 -14.18
CA THR E 125 -15.08 7.68 -12.74
C THR E 125 -13.80 8.36 -12.27
N ALA E 126 -12.66 7.91 -12.82
CA ALA E 126 -11.37 8.45 -12.46
C ALA E 126 -11.36 9.95 -12.69
N ALA E 127 -11.88 10.37 -13.84
CA ALA E 127 -11.94 11.78 -14.20
C ALA E 127 -12.95 12.57 -13.36
N SER E 128 -13.93 11.87 -12.80
CA SER E 128 -14.95 12.50 -11.98
C SER E 128 -14.61 12.58 -10.51
N LEU E 129 -13.77 11.68 -10.03
CA LEU E 129 -13.42 11.64 -8.61
C LEU E 129 -12.08 12.25 -8.23
N LEU E 130 -11.12 12.24 -9.14
CA LEU E 130 -9.82 12.82 -8.82
C LEU E 130 -9.77 14.33 -8.95
N GLN E 131 -10.22 15.04 -7.93
CA GLN E 131 -10.20 16.50 -7.95
C GLN E 131 -9.81 17.09 -6.61
N ALA E 132 -9.00 18.15 -6.65
CA ALA E 132 -8.54 18.83 -5.44
C ALA E 132 -9.75 19.12 -4.58
N GLY E 133 -9.63 18.80 -3.30
CA GLY E 133 -10.72 19.01 -2.37
C GLY E 133 -11.40 17.70 -2.04
N TYR E 134 -11.78 16.93 -3.07
CA TYR E 134 -12.44 15.65 -2.86
C TYR E 134 -11.59 14.84 -1.91
N LYS E 135 -12.22 14.22 -0.92
CA LYS E 135 -11.48 13.41 0.03
C LYS E 135 -11.40 11.94 -0.37
N GLY E 136 -10.35 11.29 0.11
CA GLY E 136 -10.14 9.89 -0.17
C GLY E 136 -9.93 9.23 1.17
N ARG E 137 -9.78 7.91 1.16
CA ARG E 137 -9.60 7.14 2.38
C ARG E 137 -8.33 6.31 2.32
N VAL E 138 -7.55 6.37 3.39
CA VAL E 138 -6.30 5.63 3.50
C VAL E 138 -6.50 4.62 4.63
N THR E 139 -5.90 3.44 4.52
CA THR E 139 -6.04 2.41 5.55
C THR E 139 -4.75 1.61 5.68
N GLY E 140 -4.39 1.28 6.92
CA GLY E 140 -3.16 0.53 7.17
C GLY E 140 -2.77 0.34 8.62
N TRP E 141 -1.81 -0.56 8.87
CA TRP E 141 -1.34 -0.87 10.22
C TRP E 141 0.02 -0.23 10.57
N GLY E 142 0.46 0.74 9.76
CA GLY E 142 1.73 1.38 9.99
C GLY E 142 1.80 2.39 11.13
N ASN E 143 3.01 2.82 11.47
CA ASN E 143 3.29 3.78 12.54
C ASN E 143 2.22 4.84 12.76
N LEU E 144 1.88 5.06 14.02
CA LEU E 144 0.89 6.05 14.42
C LEU E 144 1.54 7.43 14.47
N LYS E 145 2.84 7.45 14.74
CA LYS E 145 3.60 8.69 14.79
C LYS E 145 4.94 8.48 14.13
N GLU E 146 5.53 9.57 13.65
CA GLU E 146 6.83 9.54 13.00
C GLU E 146 7.84 8.99 14.01
N THR E 147 7.51 9.18 15.29
CA THR E 147 8.32 8.71 16.41
C THR E 147 9.76 9.20 16.35
N TRP E 148 9.97 10.44 16.77
CA TRP E 148 11.31 11.03 16.78
C TRP E 148 11.99 10.55 18.06
N THR E 149 13.32 10.50 18.06
CA THR E 149 14.08 10.05 19.21
C THR E 149 13.98 11.01 20.41
N ALA E 150 12.80 11.05 21.01
CA ALA E 150 12.50 11.90 22.16
C ALA E 150 11.00 11.88 22.41
N ASN E 151 10.23 12.02 21.34
CA ASN E 151 8.77 12.02 21.41
C ASN E 151 8.28 10.63 21.79
N VAL E 152 8.05 10.42 23.08
CA VAL E 152 7.60 9.12 23.57
C VAL E 152 6.14 8.82 23.16
N GLY E 153 5.99 7.87 22.25
CA GLY E 153 4.68 7.45 21.77
C GLY E 153 4.60 5.94 21.78
N LYS E 154 3.40 5.41 21.54
CA LYS E 154 3.18 3.97 21.53
C LYS E 154 3.64 3.28 20.23
N GLY E 155 3.79 4.08 19.17
CA GLY E 155 4.27 3.58 17.89
C GLY E 155 3.32 2.74 17.06
N GLN E 156 3.35 1.43 17.26
CA GLN E 156 2.51 0.50 16.52
C GLN E 156 1.04 0.51 16.95
N PRO E 157 0.11 0.53 16.00
CA PRO E 157 -1.31 0.53 16.32
C PRO E 157 -1.73 -0.90 16.66
N SER E 158 -2.81 -1.02 17.43
CA SER E 158 -3.32 -2.32 17.82
C SER E 158 -4.27 -2.88 16.75
N VAL E 159 -5.07 -1.99 16.18
CA VAL E 159 -6.05 -2.36 15.18
C VAL E 159 -5.85 -1.50 13.93
N LEU E 160 -6.37 -1.97 12.79
CA LEU E 160 -6.28 -1.26 11.53
C LEU E 160 -6.75 0.18 11.69
N GLN E 161 -6.00 1.11 11.11
CA GLN E 161 -6.34 2.51 11.19
C GLN E 161 -6.87 2.98 9.85
N VAL E 162 -7.73 3.98 9.88
CA VAL E 162 -8.33 4.57 8.69
C VAL E 162 -8.30 6.09 8.83
N VAL E 163 -8.05 6.80 7.72
CA VAL E 163 -8.03 8.25 7.74
C VAL E 163 -8.53 8.80 6.41
N ASN E 164 -9.25 9.92 6.46
CA ASN E 164 -9.79 10.53 5.25
C ASN E 164 -8.95 11.77 4.94
N LEU E 165 -8.38 11.81 3.74
CA LEU E 165 -7.53 12.91 3.32
C LEU E 165 -7.97 13.47 1.97
N PRO E 166 -7.94 14.80 1.83
CA PRO E 166 -8.32 15.48 0.60
C PRO E 166 -7.22 15.45 -0.46
N ILE E 167 -7.60 15.33 -1.73
CA ILE E 167 -6.63 15.32 -2.80
C ILE E 167 -6.16 16.77 -3.00
N VAL E 168 -4.88 16.95 -3.29
CA VAL E 168 -4.33 18.29 -3.46
C VAL E 168 -4.00 18.59 -4.93
N GLU E 169 -4.30 19.81 -5.36
CA GLU E 169 -4.04 20.25 -6.73
C GLU E 169 -2.57 20.07 -7.07
N ARG E 170 -2.32 19.57 -8.27
CA ARG E 170 -0.97 19.29 -8.72
C ARG E 170 0.12 20.31 -8.36
N PRO E 171 -0.05 21.58 -8.76
CA PRO E 171 0.98 22.55 -8.42
C PRO E 171 1.39 22.63 -6.95
N VAL E 172 0.46 22.47 -6.02
CA VAL E 172 0.84 22.54 -4.61
C VAL E 172 1.72 21.34 -4.23
N CYS E 173 1.45 20.19 -4.82
CA CYS E 173 2.25 19.00 -4.59
C CYS E 173 3.63 19.31 -5.16
N LYS E 174 3.61 19.75 -6.41
CA LYS E 174 4.83 20.11 -7.13
C LYS E 174 5.67 21.06 -6.30
N ASP E 175 5.03 22.11 -5.80
CA ASP E 175 5.70 23.13 -5.01
C ASP E 175 6.14 22.74 -3.61
N SER E 176 5.75 21.57 -3.12
CA SER E 176 6.11 21.20 -1.76
C SER E 176 7.35 20.34 -1.61
N THR E 177 7.55 19.45 -2.57
CA THR E 177 8.68 18.54 -2.55
C THR E 177 9.75 18.87 -3.59
N ARG E 178 11.01 18.72 -3.20
CA ARG E 178 12.14 19.01 -4.09
C ARG E 178 12.32 17.87 -5.10
N ILE E 179 11.65 16.75 -4.84
CA ILE E 179 11.71 15.59 -5.70
C ILE E 179 10.82 15.87 -6.92
N ARG E 180 11.27 15.44 -8.09
CA ARG E 180 10.48 15.64 -9.31
C ARG E 180 9.19 14.82 -9.25
N ILE E 181 8.05 15.46 -9.51
CA ILE E 181 6.75 14.78 -9.51
C ILE E 181 6.36 14.43 -10.94
N THR E 182 5.57 13.37 -11.10
CA THR E 182 5.16 12.97 -12.44
C THR E 182 3.66 12.75 -12.53
N ASP E 183 3.16 12.52 -13.74
CA ASP E 183 1.74 12.30 -13.94
C ASP E 183 1.29 10.99 -13.32
N ASN E 184 2.23 10.09 -13.06
CA ASN E 184 1.90 8.81 -12.46
C ASN E 184 1.74 8.95 -10.95
N MET E 185 1.69 10.19 -10.46
CA MET E 185 1.56 10.42 -9.03
C MET E 185 0.58 11.56 -8.74
N PHE E 186 0.06 11.58 -7.52
CA PHE E 186 -0.82 12.64 -7.05
C PHE E 186 -0.64 12.69 -5.54
N CYS E 187 -0.81 13.86 -4.94
CA CYS E 187 -0.63 13.93 -3.50
C CYS E 187 -1.91 14.30 -2.79
N ALA E 188 -1.97 13.98 -1.51
CA ALA E 188 -3.15 14.27 -0.71
C ALA E 188 -2.65 14.72 0.65
N GLY E 189 -3.51 15.39 1.40
CA GLY E 189 -3.14 15.85 2.72
C GLY E 189 -3.78 17.19 3.06
N TYR E 190 -3.78 17.54 4.35
CA TYR E 190 -4.37 18.81 4.76
C TYR E 190 -3.37 19.97 4.73
N LYS E 191 -3.77 21.08 4.12
CA LYS E 191 -2.93 22.28 4.06
C LYS E 191 -2.79 22.83 5.48
N PRO E 192 -1.60 23.36 5.80
CA PRO E 192 -1.30 23.93 7.13
C PRO E 192 -2.37 24.85 7.70
N ASP E 193 -2.96 25.66 6.82
CA ASP E 193 -3.98 26.63 7.20
C ASP E 193 -5.28 26.02 7.73
N GLU E 194 -5.53 24.76 7.39
CA GLU E 194 -6.74 24.07 7.82
C GLU E 194 -6.55 23.50 9.21
N GLY E 195 -7.65 23.05 9.81
CA GLY E 195 -7.58 22.48 11.15
C GLY E 195 -7.23 21.01 11.19
N LYS E 196 -8.02 20.19 10.50
CA LYS E 196 -7.79 18.77 10.45
C LYS E 196 -6.41 18.43 9.90
N ARG E 197 -5.88 17.29 10.30
CA ARG E 197 -4.57 16.83 9.84
C ARG E 197 -4.54 15.30 9.91
N GLY E 198 -3.60 14.71 9.18
CA GLY E 198 -3.47 13.26 9.15
C GLY E 198 -2.67 12.87 7.93
N ASP E 199 -2.12 11.65 7.93
CA ASP E 199 -1.30 11.19 6.82
C ASP E 199 -0.90 9.74 7.07
N ALA E 200 -0.38 9.10 6.02
CA ALA E 200 0.09 7.74 6.10
C ALA E 200 1.51 7.86 6.64
N CYS E 201 2.12 6.76 7.06
CA CYS E 201 3.48 6.80 7.58
C CYS E 201 4.12 5.45 7.33
N GLU E 202 5.34 5.25 7.85
CA GLU E 202 6.04 3.99 7.63
C GLU E 202 5.25 2.75 8.05
N GLY E 203 5.10 1.81 7.11
CA GLY E 203 4.37 0.60 7.39
C GLY E 203 3.06 0.57 6.63
N ASP E 204 2.57 1.74 6.24
CA ASP E 204 1.31 1.84 5.49
C ASP E 204 1.52 1.71 3.98
N SER E 205 2.76 1.77 3.53
CA SER E 205 3.12 1.67 2.11
C SER E 205 2.34 0.54 1.44
N GLY E 206 1.88 0.77 0.23
CA GLY E 206 1.12 -0.25 -0.46
C GLY E 206 -0.37 -0.15 -0.19
N GLY E 207 -0.73 0.46 0.94
CA GLY E 207 -2.12 0.63 1.32
C GLY E 207 -2.91 1.33 0.24
N PRO E 208 -4.18 0.97 0.04
CA PRO E 208 -5.03 1.57 -0.97
C PRO E 208 -5.67 2.89 -0.58
N PHE E 209 -5.69 3.82 -1.52
CA PHE E 209 -6.32 5.13 -1.34
C PHE E 209 -7.64 4.92 -2.07
N VAL E 210 -8.75 4.83 -1.33
CA VAL E 210 -10.03 4.62 -1.98
C VAL E 210 -11.00 5.78 -1.82
N MET E 211 -11.91 5.88 -2.77
CA MET E 211 -12.96 6.91 -2.79
C MET E 211 -14.27 6.20 -3.13
N LYS E 212 -15.39 6.76 -2.71
CA LYS E 212 -16.68 6.13 -2.98
C LYS E 212 -17.45 6.84 -4.07
N SER E 213 -17.62 6.19 -5.21
CA SER E 213 -18.35 6.79 -6.32
C SER E 213 -19.84 6.91 -6.02
N PRO E 214 -20.33 8.16 -5.88
CA PRO E 214 -21.73 8.46 -5.59
C PRO E 214 -22.60 8.24 -6.82
N PHE E 215 -22.05 7.53 -7.80
CA PHE E 215 -22.78 7.21 -9.01
C PHE E 215 -23.27 5.77 -8.94
N ASN E 216 -22.71 5.00 -8.01
CA ASN E 216 -23.10 3.60 -7.83
C ASN E 216 -22.61 3.02 -6.50
N ASN E 217 -22.55 3.88 -5.48
CA ASN E 217 -22.12 3.51 -4.13
C ASN E 217 -21.04 2.45 -3.99
N ARG E 218 -20.01 2.54 -4.83
CA ARG E 218 -18.90 1.59 -4.81
C ARG E 218 -17.56 2.26 -4.53
N TRP E 219 -16.67 1.51 -3.89
CA TRP E 219 -15.34 2.03 -3.57
C TRP E 219 -14.38 1.73 -4.69
N TYR E 220 -13.73 2.77 -5.17
CA TYR E 220 -12.75 2.63 -6.24
C TYR E 220 -11.36 2.94 -5.70
N GLN E 221 -10.37 2.17 -6.13
CA GLN E 221 -9.01 2.42 -5.69
C GLN E 221 -8.36 3.42 -6.64
N MET E 222 -7.95 4.55 -6.09
CA MET E 222 -7.35 5.61 -6.90
C MET E 222 -5.84 5.71 -6.77
N GLY E 223 -5.33 5.27 -5.62
CA GLY E 223 -3.89 5.35 -5.41
C GLY E 223 -3.32 4.31 -4.46
N ILE E 224 -1.99 4.26 -4.43
CA ILE E 224 -1.25 3.32 -3.59
C ILE E 224 -0.27 4.19 -2.80
N VAL E 225 -0.24 4.05 -1.47
CA VAL E 225 0.68 4.84 -0.66
C VAL E 225 2.09 4.55 -1.15
N SER E 226 2.75 5.56 -1.72
CA SER E 226 4.09 5.40 -2.26
C SER E 226 5.24 5.96 -1.42
N TRP E 227 5.43 7.27 -1.47
CA TRP E 227 6.50 7.93 -0.72
C TRP E 227 6.03 9.22 -0.07
N GLY E 228 6.93 9.88 0.64
CA GLY E 228 6.62 11.12 1.31
C GLY E 228 7.83 11.51 2.13
N GLU E 229 7.78 12.69 2.74
CA GLU E 229 8.89 13.15 3.57
C GLU E 229 8.39 13.21 4.99
N GLY E 230 9.00 12.40 5.85
CA GLY E 230 8.58 12.34 7.23
C GLY E 230 7.14 11.86 7.30
N CYS E 231 6.44 12.19 8.37
CA CYS E 231 5.05 11.79 8.52
C CYS E 231 4.29 12.96 9.12
N ASP E 232 3.18 13.30 8.48
CA ASP E 232 2.30 14.38 8.94
C ASP E 232 3.01 15.69 9.29
N ARG E 233 4.06 16.03 8.55
CA ARG E 233 4.78 17.27 8.80
C ARG E 233 4.02 18.44 8.16
N ASP E 234 4.00 19.59 8.84
CA ASP E 234 3.30 20.77 8.33
C ASP E 234 3.72 21.14 6.93
N GLY E 235 2.80 21.03 5.97
CA GLY E 235 3.12 21.41 4.61
C GLY E 235 3.48 20.29 3.64
N LYS E 236 4.17 19.27 4.13
CA LYS E 236 4.56 18.17 3.27
C LYS E 236 3.35 17.26 3.04
N TYR E 237 3.25 16.70 1.84
CA TYR E 237 2.14 15.83 1.50
C TYR E 237 2.65 14.46 1.16
N GLY E 238 1.74 13.49 1.18
CA GLY E 238 2.10 12.12 0.87
C GLY E 238 1.80 11.87 -0.58
N PHE E 239 2.61 11.06 -1.25
CA PHE E 239 2.41 10.79 -2.66
C PHE E 239 1.90 9.39 -2.88
N TYR E 240 0.94 9.27 -3.79
CA TYR E 240 0.33 7.99 -4.08
C TYR E 240 0.44 7.64 -5.56
N THR E 241 0.74 6.39 -5.84
CA THR E 241 0.86 5.90 -7.19
C THR E 241 -0.52 6.11 -7.80
N HIS E 242 -0.56 6.81 -8.93
CA HIS E 242 -1.80 7.12 -9.61
C HIS E 242 -2.33 5.90 -10.36
N VAL E 243 -2.85 4.94 -9.59
CA VAL E 243 -3.38 3.66 -10.10
C VAL E 243 -3.99 3.68 -11.48
N PHE E 244 -5.03 4.48 -11.68
CA PHE E 244 -5.71 4.56 -12.98
C PHE E 244 -4.77 4.71 -14.19
N ARG E 245 -3.74 5.53 -14.05
CA ARG E 245 -2.85 5.69 -15.17
C ARG E 245 -2.14 4.39 -15.52
N LEU E 246 -1.91 3.53 -14.52
CA LEU E 246 -1.24 2.26 -14.77
C LEU E 246 -2.21 1.12 -15.10
N LYS E 247 -3.51 1.41 -15.16
CA LYS E 247 -4.49 0.36 -15.43
C LYS E 247 -4.16 -0.47 -16.66
N LYS E 248 -3.60 0.16 -17.69
CA LYS E 248 -3.22 -0.54 -18.91
C LYS E 248 -2.28 -1.71 -18.60
N TRP E 249 -1.26 -1.46 -17.79
CA TRP E 249 -0.27 -2.47 -17.39
C TRP E 249 -0.90 -3.51 -16.49
N ILE E 250 -1.66 -3.04 -15.50
CA ILE E 250 -2.34 -3.90 -14.55
C ILE E 250 -3.17 -4.90 -15.34
N GLN E 251 -3.85 -4.38 -16.35
CA GLN E 251 -4.71 -5.17 -17.20
C GLN E 251 -3.90 -6.06 -18.13
N LYS E 252 -2.83 -5.50 -18.69
CA LYS E 252 -1.95 -6.21 -19.60
C LYS E 252 -1.41 -7.55 -19.05
N VAL E 253 -0.99 -7.56 -17.79
CA VAL E 253 -0.47 -8.78 -17.18
C VAL E 253 -1.53 -9.88 -17.09
N ILE E 254 -2.78 -9.49 -17.33
CA ILE E 254 -3.90 -10.42 -17.30
C ILE E 254 -4.44 -10.47 -18.74
N ASP E 255 -5.38 -9.58 -19.07
CA ASP E 255 -5.99 -9.45 -20.39
C ASP E 255 -6.45 -10.73 -21.10
N GLN E 256 -7.18 -10.54 -22.20
CA GLN E 256 -7.69 -11.60 -23.06
C GLN E 256 -8.60 -10.95 -24.11
N ILE F 1 -36.87 -7.64 31.60
CA ILE F 1 -35.45 -7.31 31.32
C ILE F 1 -35.16 -5.95 31.95
N VAL F 2 -34.04 -5.81 32.64
CA VAL F 2 -33.69 -4.55 33.26
C VAL F 2 -32.72 -3.81 32.36
N GLU F 3 -32.90 -2.50 32.27
CA GLU F 3 -32.07 -1.61 31.44
C GLU F 3 -31.96 -2.11 30.00
N GLY F 4 -33.10 -2.24 29.34
CA GLY F 4 -33.13 -2.71 27.97
C GLY F 4 -33.82 -1.75 27.03
N SER F 5 -34.33 -2.29 25.92
CA SER F 5 -35.03 -1.52 24.90
C SER F 5 -36.00 -2.46 24.19
N ASP F 6 -36.97 -1.89 23.48
CA ASP F 6 -37.96 -2.69 22.78
C ASP F 6 -37.34 -3.41 21.59
N ALA F 7 -37.67 -4.68 21.44
CA ALA F 7 -37.15 -5.49 20.36
C ALA F 7 -37.86 -5.16 19.05
N GLU F 8 -37.23 -5.54 17.93
CA GLU F 8 -37.76 -5.31 16.60
C GLU F 8 -38.59 -6.50 16.14
N ILE F 9 -39.66 -6.23 15.39
CA ILE F 9 -40.52 -7.28 14.90
C ILE F 9 -39.72 -8.36 14.17
N GLY F 10 -39.74 -9.56 14.71
CA GLY F 10 -39.01 -10.65 14.09
C GLY F 10 -37.53 -10.69 14.35
N MET F 11 -37.03 -9.98 15.37
CA MET F 11 -35.59 -10.02 15.67
C MET F 11 -35.23 -11.22 16.54
N SER F 12 -36.25 -11.93 17.00
CA SER F 12 -36.07 -13.11 17.85
C SER F 12 -37.23 -14.04 17.60
N PRO F 13 -37.29 -14.64 16.41
CA PRO F 13 -38.34 -15.57 16.00
C PRO F 13 -38.38 -16.90 16.73
N TRP F 14 -37.53 -17.08 17.73
CA TRP F 14 -37.50 -18.33 18.49
C TRP F 14 -38.13 -18.16 19.87
N GLN F 15 -38.26 -16.91 20.31
CA GLN F 15 -38.83 -16.60 21.62
C GLN F 15 -40.22 -17.20 21.78
N VAL F 16 -40.39 -18.02 22.81
CA VAL F 16 -41.66 -18.67 23.11
C VAL F 16 -42.11 -18.24 24.50
N MET F 17 -43.40 -18.07 24.71
CA MET F 17 -43.93 -17.67 26.00
C MET F 17 -44.75 -18.77 26.66
N LEU F 18 -44.35 -19.16 27.86
CA LEU F 18 -45.08 -20.19 28.59
C LEU F 18 -46.25 -19.50 29.26
N PHE F 19 -47.45 -19.80 28.81
CA PHE F 19 -48.66 -19.19 29.36
C PHE F 19 -49.39 -20.22 30.20
N ARG F 20 -49.90 -19.79 31.34
CA ARG F 20 -50.66 -20.69 32.19
C ARG F 20 -52.10 -20.51 31.77
N LYS F 21 -52.79 -21.62 31.52
CA LYS F 21 -54.19 -21.58 31.09
C LYS F 21 -55.08 -20.80 32.05
N SER F 22 -55.18 -21.28 33.29
CA SER F 22 -56.03 -20.65 34.31
C SER F 22 -55.33 -20.74 35.66
N PRO F 23 -55.00 -19.60 36.27
CA PRO F 23 -55.21 -18.20 35.85
C PRO F 23 -54.24 -17.78 34.75
N GLN F 24 -54.74 -17.01 33.79
CA GLN F 24 -53.90 -16.54 32.68
C GLN F 24 -52.73 -15.71 33.17
N GLU F 25 -51.52 -16.17 32.83
CA GLU F 25 -50.33 -15.45 33.24
C GLU F 25 -49.10 -15.90 32.48
N LEU F 26 -48.10 -15.03 32.44
CA LEU F 26 -46.85 -15.31 31.78
C LEU F 26 -46.06 -16.09 32.83
N LEU F 27 -45.68 -17.31 32.49
CA LEU F 27 -44.92 -18.12 33.43
C LEU F 27 -43.43 -17.96 33.20
N CYS F 28 -43.01 -18.19 31.97
CA CYS F 28 -41.60 -18.11 31.64
C CYS F 28 -41.42 -17.85 30.16
N GLY F 29 -40.16 -17.70 29.77
CA GLY F 29 -39.80 -17.51 28.38
C GLY F 29 -39.23 -18.83 27.93
N ALA F 30 -39.06 -18.99 26.62
CA ALA F 30 -38.54 -20.24 26.09
C ALA F 30 -37.98 -20.03 24.70
N SER F 31 -37.35 -21.06 24.16
CA SER F 31 -36.74 -20.97 22.84
C SER F 31 -37.14 -22.12 21.94
N LEU F 32 -37.56 -21.80 20.73
CA LEU F 32 -37.95 -22.80 19.74
C LEU F 32 -36.66 -23.41 19.18
N ILE F 33 -36.52 -24.74 19.19
CA ILE F 33 -35.30 -25.33 18.64
C ILE F 33 -35.55 -26.22 17.44
N SER F 34 -36.83 -26.49 17.18
CA SER F 34 -37.22 -27.30 16.02
C SER F 34 -38.69 -26.99 15.82
N ASP F 35 -39.35 -27.72 14.93
CA ASP F 35 -40.76 -27.47 14.69
C ASP F 35 -41.71 -28.07 15.73
N ARG F 36 -41.25 -29.03 16.53
CA ARG F 36 -42.13 -29.63 17.54
C ARG F 36 -41.49 -29.74 18.93
N TRP F 37 -40.44 -28.95 19.18
CA TRP F 37 -39.74 -28.96 20.47
C TRP F 37 -39.41 -27.56 20.97
N VAL F 38 -39.67 -27.33 22.26
CA VAL F 38 -39.38 -26.04 22.89
C VAL F 38 -38.43 -26.25 24.08
N LEU F 39 -37.33 -25.52 24.12
CA LEU F 39 -36.37 -25.63 25.21
C LEU F 39 -36.64 -24.54 26.24
N THR F 40 -36.65 -24.93 27.52
CA THR F 40 -36.90 -23.98 28.60
C THR F 40 -36.18 -24.44 29.87
N ALA F 41 -36.25 -23.63 30.93
CA ALA F 41 -35.61 -23.96 32.20
C ALA F 41 -36.56 -24.70 33.13
N ALA F 42 -36.16 -25.90 33.51
CA ALA F 42 -36.94 -26.78 34.39
C ALA F 42 -37.66 -26.14 35.57
N HIS F 43 -36.99 -25.20 36.24
CA HIS F 43 -37.57 -24.51 37.40
C HIS F 43 -38.93 -23.91 37.15
N CYS F 44 -39.25 -23.60 35.90
CA CYS F 44 -40.55 -23.01 35.57
C CYS F 44 -41.66 -24.05 35.79
N LEU F 45 -41.33 -25.30 35.46
CA LEU F 45 -42.28 -26.39 35.59
C LEU F 45 -42.26 -27.05 36.95
N LEU F 46 -41.11 -27.03 37.62
CA LEU F 46 -41.01 -27.69 38.92
C LEU F 46 -40.16 -26.96 39.94
N TYR F 47 -40.81 -26.46 40.99
CA TYR F 47 -40.12 -25.77 42.08
C TYR F 47 -40.99 -25.89 43.32
N PRO F 48 -40.83 -26.98 44.07
CA PRO F 48 -41.60 -27.20 45.30
C PRO F 48 -41.69 -26.00 46.22
N PRO F 49 -40.58 -25.26 46.43
CA PRO F 49 -40.68 -24.09 47.31
C PRO F 49 -41.75 -23.11 46.88
N TRP F 50 -42.15 -23.18 45.62
CA TRP F 50 -43.20 -22.31 45.11
C TRP F 50 -44.38 -23.15 44.66
N ASP F 51 -44.50 -24.33 45.24
CA ASP F 51 -45.58 -25.27 44.94
C ASP F 51 -45.73 -25.44 43.43
N LYS F 52 -44.62 -25.37 42.71
CA LYS F 52 -44.64 -25.51 41.26
C LYS F 52 -44.53 -26.94 40.75
N ASN F 53 -45.56 -27.40 40.07
CA ASN F 53 -45.56 -28.74 39.49
C ASN F 53 -46.61 -28.72 38.40
N PHE F 54 -46.19 -28.32 37.20
CA PHE F 54 -47.09 -28.23 36.07
C PHE F 54 -47.17 -29.50 35.24
N ILE F 55 -48.36 -29.73 34.69
CA ILE F 55 -48.63 -30.87 33.83
C ILE F 55 -48.68 -30.26 32.45
N GLU F 56 -48.35 -31.03 31.42
CA GLU F 56 -48.39 -30.50 30.06
C GLU F 56 -49.78 -29.91 29.77
N ASN F 57 -50.79 -30.45 30.41
CA ASN F 57 -52.16 -29.99 30.22
C ASN F 57 -52.47 -28.69 30.96
N ASP F 58 -51.45 -28.05 31.53
CA ASP F 58 -51.64 -26.81 32.27
C ASP F 58 -51.00 -25.62 31.57
N LEU F 59 -50.22 -25.88 30.53
CA LEU F 59 -49.54 -24.79 29.85
C LEU F 59 -49.87 -24.67 28.38
N LEU F 60 -49.69 -23.45 27.88
CA LEU F 60 -49.90 -23.13 26.48
C LEU F 60 -48.60 -22.53 26.00
N VAL F 61 -48.20 -22.91 24.80
CA VAL F 61 -46.98 -22.44 24.19
C VAL F 61 -47.34 -21.40 23.15
N ARG F 62 -47.04 -20.14 23.43
CA ARG F 62 -47.32 -19.07 22.48
C ARG F 62 -46.04 -18.77 21.70
N ILE F 63 -46.11 -18.94 20.39
CA ILE F 63 -44.95 -18.73 19.53
C ILE F 63 -45.16 -17.59 18.54
N GLY F 64 -44.12 -16.80 18.35
CA GLY F 64 -44.18 -15.69 17.42
C GLY F 64 -44.82 -14.42 17.94
N LYS F 65 -44.80 -14.21 19.24
CA LYS F 65 -45.41 -13.01 19.80
C LYS F 65 -44.45 -11.83 19.82
N HIS F 66 -44.98 -10.68 20.20
CA HIS F 66 -44.20 -9.45 20.29
C HIS F 66 -44.82 -8.63 21.40
N SER F 67 -46.13 -8.50 21.34
CA SER F 67 -46.87 -7.77 22.35
C SER F 67 -47.04 -8.73 23.53
N ARG F 68 -46.81 -8.24 24.73
CA ARG F 68 -46.93 -9.06 25.92
C ARG F 68 -48.38 -9.38 26.30
N THR F 69 -49.33 -8.76 25.60
CA THR F 69 -50.74 -8.97 25.89
C THR F 69 -51.65 -9.14 24.67
N ARG F 70 -51.43 -8.33 23.65
CA ARG F 70 -52.24 -8.39 22.43
C ARG F 70 -52.24 -9.76 21.79
N TYR F 71 -53.41 -10.21 21.37
CA TYR F 71 -53.54 -11.49 20.71
C TYR F 71 -53.21 -11.25 19.23
N GLU F 72 -51.96 -11.50 18.85
CA GLU F 72 -51.49 -11.33 17.47
C GLU F 72 -52.29 -12.25 16.55
N ARG F 73 -53.55 -11.90 16.31
CA ARG F 73 -54.49 -12.68 15.51
C ARG F 73 -53.98 -13.64 14.44
N ASN F 74 -53.16 -13.18 13.51
CA ASN F 74 -52.65 -14.09 12.49
C ASN F 74 -51.13 -14.18 12.47
N ILE F 75 -50.51 -13.68 13.54
CA ILE F 75 -49.06 -13.66 13.66
C ILE F 75 -48.57 -14.76 14.59
N GLU F 76 -49.15 -14.84 15.79
CA GLU F 76 -48.74 -15.84 16.76
C GLU F 76 -49.52 -17.12 16.62
N LYS F 77 -48.82 -18.23 16.76
CA LYS F 77 -49.44 -19.54 16.70
C LYS F 77 -49.36 -20.06 18.13
N ILE F 78 -50.40 -20.74 18.57
CA ILE F 78 -50.42 -21.28 19.92
C ILE F 78 -50.45 -22.79 19.80
N SER F 79 -49.55 -23.47 20.49
CA SER F 79 -49.51 -24.91 20.44
C SER F 79 -49.69 -25.47 21.83
N MET F 80 -50.32 -26.63 21.91
CA MET F 80 -50.52 -27.28 23.19
C MET F 80 -49.40 -28.28 23.37
N LEU F 81 -49.05 -28.57 24.63
CA LEU F 81 -47.99 -29.51 24.93
C LEU F 81 -48.50 -30.94 24.98
N GLU F 82 -47.71 -31.86 24.43
CA GLU F 82 -48.07 -33.27 24.46
C GLU F 82 -47.35 -33.90 25.64
N LYS F 83 -46.07 -33.57 25.80
CA LYS F 83 -45.28 -34.12 26.89
C LYS F 83 -44.16 -33.19 27.36
N ILE F 84 -43.71 -33.41 28.59
CA ILE F 84 -42.65 -32.60 29.21
C ILE F 84 -41.53 -33.48 29.77
N TYR F 85 -40.28 -33.08 29.57
CA TYR F 85 -39.15 -33.84 30.09
C TYR F 85 -38.20 -32.94 30.86
N ILE F 86 -38.16 -33.08 32.18
CA ILE F 86 -37.27 -32.28 33.02
C ILE F 86 -36.02 -33.09 33.23
N HIS F 87 -34.85 -32.47 33.10
CA HIS F 87 -33.60 -33.19 33.29
C HIS F 87 -33.60 -33.97 34.61
N PRO F 88 -33.39 -35.29 34.53
CA PRO F 88 -33.36 -36.18 35.71
C PRO F 88 -32.40 -35.81 36.83
N ARG F 89 -31.42 -34.95 36.54
CA ARG F 89 -30.47 -34.54 37.56
C ARG F 89 -30.76 -33.11 38.03
N TYR F 90 -31.97 -32.63 37.78
CA TYR F 90 -32.39 -31.29 38.16
C TYR F 90 -32.21 -31.11 39.67
N ASN F 91 -31.20 -30.34 40.06
CA ASN F 91 -30.93 -30.10 41.47
C ASN F 91 -31.46 -28.76 41.97
N TRP F 92 -32.77 -28.69 42.14
CA TRP F 92 -33.42 -27.47 42.60
C TRP F 92 -33.05 -27.14 44.04
N ARG F 93 -32.35 -28.05 44.70
CA ARG F 93 -31.88 -27.83 46.06
C ARG F 93 -30.41 -27.51 45.84
N GLU F 94 -29.77 -26.97 46.87
CA GLU F 94 -28.35 -26.62 46.81
C GLU F 94 -27.90 -25.56 45.79
N ASN F 95 -28.37 -25.61 44.56
CA ASN F 95 -27.92 -24.63 43.57
C ASN F 95 -28.62 -24.58 42.22
N LEU F 96 -29.81 -25.16 42.10
CA LEU F 96 -30.52 -25.14 40.81
C LEU F 96 -29.70 -25.78 39.68
N ASP F 97 -28.83 -26.73 40.01
CA ASP F 97 -28.00 -27.33 38.96
C ASP F 97 -28.77 -28.04 37.86
N ARG F 98 -28.24 -27.95 36.65
CA ARG F 98 -28.83 -28.55 35.45
C ARG F 98 -30.28 -28.12 35.25
N ASP F 99 -30.50 -26.84 35.45
CA ASP F 99 -31.82 -26.24 35.30
C ASP F 99 -32.16 -26.21 33.81
N ILE F 100 -32.70 -27.31 33.29
CA ILE F 100 -33.05 -27.41 31.87
C ILE F 100 -34.18 -28.41 31.64
N ALA F 101 -35.06 -28.11 30.69
CA ALA F 101 -36.20 -28.98 30.37
C ALA F 101 -36.61 -28.83 28.91
N LEU F 102 -37.29 -29.84 28.39
CA LEU F 102 -37.75 -29.86 27.00
C LEU F 102 -39.24 -30.14 26.95
N MET F 103 -39.96 -29.39 26.13
CA MET F 103 -41.40 -29.56 26.00
C MET F 103 -41.75 -29.89 24.55
N LYS F 104 -42.47 -30.98 24.35
CA LYS F 104 -42.86 -31.37 23.01
C LYS F 104 -44.24 -30.81 22.69
N LEU F 105 -44.46 -30.41 21.44
CA LEU F 105 -45.75 -29.86 21.04
C LEU F 105 -46.63 -30.93 20.38
N LYS F 106 -47.92 -30.89 20.68
CA LYS F 106 -48.88 -31.86 20.11
C LYS F 106 -48.95 -31.80 18.59
N LYS F 107 -48.63 -30.63 18.04
CA LYS F 107 -48.65 -30.45 16.60
C LYS F 107 -47.46 -29.58 16.20
N PRO F 108 -46.74 -29.96 15.14
CA PRO F 108 -45.58 -29.19 14.69
C PRO F 108 -46.01 -27.81 14.22
N VAL F 109 -45.22 -26.80 14.57
CA VAL F 109 -45.51 -25.43 14.18
C VAL F 109 -45.07 -25.16 12.77
N ALA F 110 -45.74 -24.20 12.15
CA ALA F 110 -45.40 -23.80 10.81
C ALA F 110 -44.58 -22.56 11.00
N PHE F 111 -43.31 -22.61 10.59
CA PHE F 111 -42.43 -21.46 10.71
C PHE F 111 -42.94 -20.30 9.88
N SER F 112 -42.30 -19.14 10.01
CA SER F 112 -42.67 -17.97 9.24
C SER F 112 -41.59 -16.93 9.50
N ASP F 113 -41.88 -15.67 9.17
CA ASP F 113 -40.93 -14.59 9.38
C ASP F 113 -40.85 -14.34 10.88
N TYR F 114 -41.87 -14.78 11.59
CA TYR F 114 -41.93 -14.59 13.03
C TYR F 114 -41.65 -15.85 13.81
N ILE F 115 -41.80 -17.00 13.17
CA ILE F 115 -41.55 -18.28 13.84
C ILE F 115 -40.37 -19.00 13.18
N HIS F 116 -39.25 -19.07 13.89
CA HIS F 116 -38.06 -19.72 13.36
C HIS F 116 -37.16 -20.24 14.50
N PRO F 117 -36.57 -21.43 14.32
CA PRO F 117 -35.71 -22.01 15.36
C PRO F 117 -34.32 -21.40 15.50
N VAL F 118 -33.75 -21.56 16.69
CA VAL F 118 -32.41 -21.08 16.99
C VAL F 118 -31.55 -22.32 16.95
N CYS F 119 -30.28 -22.17 16.63
CA CYS F 119 -29.37 -23.31 16.55
C CYS F 119 -28.75 -23.64 17.91
N LEU F 120 -28.50 -24.92 18.17
CA LEU F 120 -27.84 -25.31 19.42
C LEU F 120 -26.34 -25.30 19.07
N PRO F 121 -25.47 -24.91 20.02
CA PRO F 121 -24.04 -24.88 19.71
C PRO F 121 -23.50 -26.26 19.36
N ASP F 122 -22.62 -26.30 18.36
CA ASP F 122 -22.04 -27.56 17.91
C ASP F 122 -20.83 -28.05 18.68
N ARG F 123 -19.77 -27.24 18.73
CA ARG F 123 -18.52 -27.58 19.44
C ARG F 123 -17.53 -26.47 19.18
N GLU F 124 -17.13 -26.32 17.93
CA GLU F 124 -16.19 -25.29 17.54
C GLU F 124 -16.85 -23.95 17.92
N THR F 125 -18.11 -23.78 17.52
CA THR F 125 -18.85 -22.56 17.82
C THR F 125 -18.84 -22.31 19.32
N ALA F 126 -19.11 -23.36 20.08
CA ALA F 126 -19.15 -23.26 21.53
C ALA F 126 -17.80 -22.77 22.08
N ALA F 127 -16.75 -23.53 21.77
CA ALA F 127 -15.40 -23.23 22.22
C ALA F 127 -14.90 -21.87 21.79
N SER F 128 -15.36 -21.42 20.63
CA SER F 128 -14.95 -20.14 20.09
C SER F 128 -15.62 -18.95 20.74
N LEU F 129 -16.94 -19.03 20.87
CA LEU F 129 -17.71 -17.93 21.43
C LEU F 129 -17.78 -17.80 22.94
N LEU F 130 -17.90 -18.91 23.66
CA LEU F 130 -18.00 -18.82 25.10
C LEU F 130 -16.70 -18.39 25.77
N GLN F 131 -16.47 -17.08 25.83
CA GLN F 131 -15.25 -16.56 26.45
C GLN F 131 -15.49 -15.25 27.17
N ALA F 132 -14.72 -15.03 28.23
CA ALA F 132 -14.84 -13.82 29.03
C ALA F 132 -14.76 -12.64 28.11
N GLY F 133 -15.80 -11.82 28.05
CA GLY F 133 -15.79 -10.66 27.19
C GLY F 133 -16.73 -10.66 25.99
N TYR F 134 -16.96 -11.81 25.36
CA TYR F 134 -17.86 -11.87 24.22
C TYR F 134 -19.28 -11.60 24.71
N LYS F 135 -20.07 -10.88 23.92
CA LYS F 135 -21.43 -10.58 24.32
C LYS F 135 -22.49 -11.52 23.76
N GLY F 136 -23.56 -11.64 24.52
CA GLY F 136 -24.69 -12.48 24.17
C GLY F 136 -25.94 -11.65 24.32
N ARG F 137 -27.02 -12.07 23.68
CA ARG F 137 -28.27 -11.34 23.71
C ARG F 137 -29.38 -12.10 24.40
N VAL F 138 -30.02 -11.47 25.39
CA VAL F 138 -31.11 -12.09 26.10
C VAL F 138 -32.36 -11.34 25.72
N THR F 139 -33.48 -12.05 25.60
CA THR F 139 -34.77 -11.46 25.25
C THR F 139 -35.85 -12.01 26.17
N GLY F 140 -36.78 -11.14 26.58
CA GLY F 140 -37.86 -11.57 27.45
C GLY F 140 -38.89 -10.51 27.76
N TRP F 141 -40.05 -10.95 28.28
CA TRP F 141 -41.16 -10.05 28.63
C TRP F 141 -41.17 -9.85 30.13
N GLY F 142 -40.17 -10.38 30.81
CA GLY F 142 -40.10 -10.28 32.26
C GLY F 142 -40.02 -8.88 32.81
N ASN F 143 -40.19 -8.78 34.13
CA ASN F 143 -40.14 -7.51 34.83
C ASN F 143 -39.03 -6.59 34.37
N LEU F 144 -39.40 -5.33 34.23
CA LEU F 144 -38.52 -4.27 33.76
C LEU F 144 -37.45 -3.90 34.77
N LYS F 145 -37.69 -4.23 36.03
CA LYS F 145 -36.75 -3.93 37.09
C LYS F 145 -37.08 -4.76 38.33
N GLU F 146 -36.21 -4.68 39.33
CA GLU F 146 -36.40 -5.41 40.56
C GLU F 146 -37.63 -4.86 41.28
N THR F 147 -37.56 -3.58 41.66
CA THR F 147 -38.65 -2.89 42.34
C THR F 147 -38.70 -1.42 41.89
N TRP F 148 -39.90 -0.88 41.75
CA TRP F 148 -40.06 0.50 41.31
C TRP F 148 -41.29 1.13 41.97
N THR F 149 -41.59 2.38 41.61
CA THR F 149 -42.75 3.10 42.15
C THR F 149 -44.03 2.42 41.63
N ALA F 150 -45.06 2.39 42.46
CA ALA F 150 -46.34 1.78 42.07
C ALA F 150 -46.98 2.54 40.90
N ASN F 151 -47.92 3.44 41.22
CA ASN F 151 -48.61 4.28 40.22
C ASN F 151 -48.95 3.56 38.92
N VAL F 152 -48.02 3.61 37.95
CA VAL F 152 -48.18 3.00 36.64
C VAL F 152 -48.39 1.48 36.73
N GLY F 153 -47.59 0.82 37.55
CA GLY F 153 -47.69 -0.62 37.70
C GLY F 153 -46.42 -1.28 38.18
N LYS F 154 -45.49 -0.48 38.69
CA LYS F 154 -44.21 -0.96 39.21
C LYS F 154 -43.31 -1.68 38.19
N GLY F 155 -43.85 -1.99 37.02
CA GLY F 155 -43.07 -2.68 36.00
C GLY F 155 -43.93 -3.27 34.90
N GLN F 156 -43.49 -4.39 34.34
CA GLN F 156 -44.18 -5.10 33.26
C GLN F 156 -44.15 -4.35 31.93
N PRO F 157 -43.20 -4.70 31.05
CA PRO F 157 -43.04 -4.05 29.74
C PRO F 157 -44.18 -4.42 28.78
N SER F 158 -44.48 -3.51 27.85
CA SER F 158 -45.55 -3.73 26.86
C SER F 158 -45.13 -4.50 25.61
N VAL F 159 -43.83 -4.51 25.33
CA VAL F 159 -43.29 -5.21 24.17
C VAL F 159 -41.95 -5.88 24.53
N LEU F 160 -41.72 -7.05 23.95
CA LEU F 160 -40.50 -7.81 24.16
C LEU F 160 -39.28 -6.89 24.29
N GLN F 161 -38.56 -7.01 25.41
CA GLN F 161 -37.37 -6.22 25.66
C GLN F 161 -36.18 -7.08 25.32
N VAL F 162 -35.04 -6.45 25.07
CA VAL F 162 -33.82 -7.17 24.76
C VAL F 162 -32.60 -6.42 25.30
N VAL F 163 -31.61 -7.17 25.78
CA VAL F 163 -30.39 -6.57 26.31
C VAL F 163 -29.18 -7.47 26.03
N ASN F 164 -28.08 -6.85 25.63
CA ASN F 164 -26.86 -7.59 25.31
C ASN F 164 -25.96 -7.55 26.55
N LEU F 165 -25.40 -8.68 26.91
CA LEU F 165 -24.54 -8.77 28.09
C LEU F 165 -23.29 -9.56 27.77
N PRO F 166 -22.16 -9.21 28.41
CA PRO F 166 -20.90 -9.91 28.19
C PRO F 166 -20.74 -11.10 29.11
N ILE F 167 -20.00 -12.11 28.65
CA ILE F 167 -19.75 -13.30 29.45
C ILE F 167 -18.68 -12.98 30.50
N VAL F 168 -18.98 -13.26 31.76
CA VAL F 168 -18.05 -12.99 32.85
C VAL F 168 -17.21 -14.22 33.22
N GLU F 169 -15.92 -14.01 33.54
CA GLU F 169 -14.99 -15.09 33.87
C GLU F 169 -15.36 -15.89 35.13
N ARG F 170 -15.24 -17.21 35.04
CA ARG F 170 -15.60 -18.13 36.13
C ARG F 170 -15.24 -17.71 37.56
N PRO F 171 -13.98 -17.35 37.83
CA PRO F 171 -13.65 -16.95 39.19
C PRO F 171 -14.59 -15.85 39.69
N VAL F 172 -14.88 -14.88 38.84
CA VAL F 172 -15.76 -13.77 39.19
C VAL F 172 -17.19 -14.21 39.51
N CYS F 173 -17.77 -15.05 38.67
CA CYS F 173 -19.13 -15.54 38.95
C CYS F 173 -19.09 -16.22 40.31
N LYS F 174 -18.05 -17.04 40.52
CA LYS F 174 -17.88 -17.78 41.75
C LYS F 174 -17.72 -16.90 42.98
N ASP F 175 -16.96 -15.83 42.86
CA ASP F 175 -16.75 -14.92 43.97
C ASP F 175 -17.93 -13.98 44.19
N SER F 176 -18.81 -13.87 43.20
CA SER F 176 -19.95 -12.97 43.30
C SER F 176 -21.08 -13.52 44.15
N THR F 177 -21.00 -14.81 44.52
CA THR F 177 -22.05 -15.44 45.31
C THR F 177 -21.53 -16.62 46.14
N ARG F 178 -22.36 -17.07 47.08
CA ARG F 178 -21.99 -18.20 47.93
C ARG F 178 -22.65 -19.52 47.53
N ILE F 179 -23.54 -19.47 46.54
CA ILE F 179 -24.21 -20.67 46.06
C ILE F 179 -23.19 -21.50 45.27
N ARG F 180 -23.14 -22.80 45.55
CA ARG F 180 -22.19 -23.68 44.88
C ARG F 180 -22.39 -23.61 43.36
N ILE F 181 -21.46 -22.94 42.70
CA ILE F 181 -21.49 -22.74 41.25
C ILE F 181 -20.91 -23.95 40.51
N THR F 182 -21.70 -24.58 39.65
CA THR F 182 -21.18 -25.71 38.90
C THR F 182 -20.67 -25.33 37.53
N ASP F 183 -20.11 -26.34 36.86
CA ASP F 183 -19.54 -26.22 35.54
C ASP F 183 -20.66 -26.11 34.50
N ASN F 184 -21.89 -26.41 34.92
CA ASN F 184 -23.04 -26.34 34.02
C ASN F 184 -23.71 -24.97 34.07
N MET F 185 -22.97 -23.95 34.47
CA MET F 185 -23.52 -22.61 34.55
C MET F 185 -22.43 -21.60 34.28
N PHE F 186 -22.82 -20.45 33.75
CA PHE F 186 -21.90 -19.35 33.49
C PHE F 186 -22.65 -18.08 33.87
N CYS F 187 -21.98 -16.94 33.90
CA CYS F 187 -22.68 -15.72 34.25
C CYS F 187 -22.42 -14.64 33.21
N ALA F 188 -23.30 -13.65 33.17
CA ALA F 188 -23.17 -12.56 32.22
C ALA F 188 -23.69 -11.28 32.83
N GLY F 189 -22.99 -10.17 32.58
CA GLY F 189 -23.40 -8.89 33.12
C GLY F 189 -22.18 -7.99 33.12
N TYR F 190 -22.39 -6.70 33.22
CA TYR F 190 -21.26 -5.78 33.22
C TYR F 190 -20.63 -5.67 34.59
N LYS F 191 -19.31 -5.56 34.62
CA LYS F 191 -18.58 -5.41 35.87
C LYS F 191 -18.90 -3.99 36.35
N PRO F 192 -18.94 -3.77 37.68
CA PRO F 192 -19.24 -2.48 38.29
C PRO F 192 -18.49 -1.27 37.70
N ASP F 193 -17.38 -1.54 37.03
CA ASP F 193 -16.55 -0.49 36.45
C ASP F 193 -17.13 0.09 35.16
N GLU F 194 -17.86 -0.72 34.41
CA GLU F 194 -18.47 -0.31 33.15
C GLU F 194 -19.79 0.40 33.42
N GLY F 195 -19.93 1.62 32.91
CA GLY F 195 -21.15 2.40 33.12
C GLY F 195 -22.37 1.81 32.45
N LYS F 196 -22.15 0.83 31.59
CA LYS F 196 -23.21 0.14 30.86
C LYS F 196 -23.74 -0.94 31.80
N ARG F 197 -25.03 -1.22 31.73
CA ARG F 197 -25.60 -2.24 32.60
C ARG F 197 -26.87 -2.86 32.02
N GLY F 198 -27.35 -3.91 32.70
CA GLY F 198 -28.54 -4.61 32.25
C GLY F 198 -28.52 -6.04 32.76
N ASP F 199 -29.67 -6.69 32.80
CA ASP F 199 -29.76 -8.06 33.30
C ASP F 199 -31.17 -8.62 33.09
N ALA F 200 -31.28 -9.93 33.16
CA ALA F 200 -32.57 -10.60 33.03
C ALA F 200 -33.25 -10.36 34.37
N CYS F 201 -34.51 -10.78 34.50
CA CYS F 201 -35.23 -10.58 35.75
C CYS F 201 -36.45 -11.49 35.75
N GLU F 202 -37.18 -11.53 36.87
CA GLU F 202 -38.35 -12.38 37.03
C GLU F 202 -39.26 -12.34 35.82
N GLY F 203 -39.52 -13.50 35.22
CA GLY F 203 -40.37 -13.54 34.05
C GLY F 203 -39.58 -13.72 32.76
N ASP F 204 -38.27 -13.49 32.83
CA ASP F 204 -37.40 -13.66 31.67
C ASP F 204 -36.89 -15.09 31.70
N SER F 205 -36.97 -15.71 32.88
CA SER F 205 -36.52 -17.08 33.10
C SER F 205 -36.96 -18.02 31.99
N GLY F 206 -36.06 -18.90 31.56
CA GLY F 206 -36.38 -19.81 30.48
C GLY F 206 -36.00 -19.22 29.15
N GLY F 207 -35.90 -17.90 29.10
CA GLY F 207 -35.54 -17.21 27.87
C GLY F 207 -34.17 -17.59 27.37
N PRO F 208 -33.93 -17.49 26.06
CA PRO F 208 -32.63 -17.84 25.52
C PRO F 208 -31.58 -16.77 25.75
N PHE F 209 -30.33 -17.16 25.56
CA PHE F 209 -29.19 -16.28 25.65
C PHE F 209 -28.51 -16.67 24.35
N VAL F 210 -28.85 -15.97 23.29
CA VAL F 210 -28.33 -16.27 21.98
C VAL F 210 -27.12 -15.44 21.60
N MET F 211 -26.24 -16.03 20.78
CA MET F 211 -25.04 -15.39 20.27
C MET F 211 -25.04 -15.55 18.75
N LYS F 212 -24.39 -14.63 18.04
CA LYS F 212 -24.34 -14.70 16.58
C LYS F 212 -22.95 -15.04 16.08
N SER F 213 -22.84 -16.19 15.43
CA SER F 213 -21.56 -16.66 14.92
C SER F 213 -21.02 -15.86 13.76
N PRO F 214 -19.84 -15.24 13.93
CA PRO F 214 -19.23 -14.45 12.86
C PRO F 214 -18.81 -15.42 11.75
N PHE F 215 -18.42 -16.62 12.15
CA PHE F 215 -17.97 -17.64 11.20
C PHE F 215 -19.04 -18.14 10.25
N ASN F 216 -20.31 -17.85 10.53
CA ASN F 216 -21.39 -18.34 9.66
C ASN F 216 -22.70 -17.60 9.69
N ASN F 217 -22.74 -16.44 10.33
CA ASN F 217 -23.95 -15.63 10.37
C ASN F 217 -25.21 -16.26 10.99
N ARG F 218 -25.06 -17.35 11.75
CA ARG F 218 -26.23 -18.00 12.36
C ARG F 218 -26.30 -17.79 13.86
N TRP F 219 -27.52 -17.71 14.36
CA TRP F 219 -27.75 -17.51 15.80
C TRP F 219 -27.77 -18.83 16.57
N TYR F 220 -26.90 -18.93 17.56
CA TYR F 220 -26.80 -20.12 18.38
C TYR F 220 -27.20 -19.81 19.83
N GLN F 221 -27.82 -20.77 20.49
CA GLN F 221 -28.22 -20.57 21.88
C GLN F 221 -27.15 -21.13 22.79
N MET F 222 -26.58 -20.27 23.63
CA MET F 222 -25.52 -20.66 24.55
C MET F 222 -25.98 -20.92 25.97
N GLY F 223 -27.06 -20.26 26.36
CA GLY F 223 -27.57 -20.43 27.71
C GLY F 223 -29.07 -20.30 27.85
N ILE F 224 -29.55 -20.55 29.07
CA ILE F 224 -30.96 -20.46 29.45
C ILE F 224 -31.00 -19.65 30.74
N VAL F 225 -31.87 -18.66 30.82
CA VAL F 225 -31.93 -17.86 32.04
C VAL F 225 -32.36 -18.76 33.19
N SER F 226 -31.48 -18.94 34.18
CA SER F 226 -31.76 -19.80 35.32
C SER F 226 -32.02 -19.05 36.63
N TRP F 227 -30.97 -18.50 37.23
CA TRP F 227 -31.12 -17.78 38.49
C TRP F 227 -30.23 -16.56 38.58
N GLY F 228 -30.33 -15.86 39.71
CA GLY F 228 -29.55 -14.67 39.95
C GLY F 228 -29.99 -14.08 41.28
N GLU F 229 -29.33 -13.02 41.71
CA GLU F 229 -29.70 -12.38 42.97
C GLU F 229 -30.26 -11.02 42.65
N GLY F 230 -31.57 -10.89 42.81
CA GLY F 230 -32.24 -9.64 42.47
C GLY F 230 -32.21 -9.50 40.97
N CYS F 231 -32.06 -8.27 40.48
CA CYS F 231 -31.99 -8.03 39.05
C CYS F 231 -31.18 -6.77 38.85
N ASP F 232 -30.11 -6.86 38.07
CA ASP F 232 -29.26 -5.70 37.80
C ASP F 232 -28.70 -5.12 39.11
N ARG F 233 -28.23 -6.01 39.99
CA ARG F 233 -27.67 -5.58 41.28
C ARG F 233 -26.17 -5.34 41.16
N ASP F 234 -25.69 -4.30 41.83
CA ASP F 234 -24.28 -3.97 41.80
C ASP F 234 -23.43 -5.04 42.48
N GLY F 235 -22.68 -5.79 41.67
CA GLY F 235 -21.82 -6.83 42.20
C GLY F 235 -22.26 -8.26 41.95
N LYS F 236 -23.57 -8.47 41.88
CA LYS F 236 -24.12 -9.81 41.65
C LYS F 236 -24.16 -10.05 40.15
N TYR F 237 -24.31 -11.31 39.76
CA TYR F 237 -24.38 -11.66 38.34
C TYR F 237 -25.44 -12.73 38.11
N GLY F 238 -26.08 -12.67 36.95
CA GLY F 238 -27.12 -13.63 36.61
C GLY F 238 -26.46 -14.85 36.00
N PHE F 239 -26.95 -16.04 36.34
CA PHE F 239 -26.36 -17.27 35.84
C PHE F 239 -27.29 -17.95 34.83
N TYR F 240 -26.72 -18.41 33.74
CA TYR F 240 -27.49 -19.07 32.69
C TYR F 240 -27.03 -20.52 32.58
N THR F 241 -27.96 -21.42 32.25
CA THR F 241 -27.65 -22.82 32.09
C THR F 241 -26.76 -22.99 30.86
N HIS F 242 -25.62 -23.63 31.05
CA HIS F 242 -24.64 -23.88 30.00
C HIS F 242 -25.21 -24.94 29.03
N VAL F 243 -26.04 -24.50 28.08
CA VAL F 243 -26.67 -25.39 27.10
C VAL F 243 -25.76 -26.46 26.51
N PHE F 244 -24.71 -26.05 25.81
CA PHE F 244 -23.77 -26.98 25.19
C PHE F 244 -23.38 -28.22 26.01
N ARG F 245 -23.35 -28.12 27.33
CA ARG F 245 -22.98 -29.26 28.17
C ARG F 245 -24.12 -30.25 28.28
N LEU F 246 -25.34 -29.73 28.29
CA LEU F 246 -26.53 -30.55 28.37
C LEU F 246 -26.95 -31.05 26.99
N LYS F 247 -26.31 -30.53 25.95
CA LYS F 247 -26.64 -30.89 24.58
C LYS F 247 -26.78 -32.41 24.39
N LYS F 248 -25.89 -33.19 25.00
CA LYS F 248 -25.94 -34.64 24.88
C LYS F 248 -27.32 -35.18 25.23
N TRP F 249 -27.84 -34.72 26.36
CA TRP F 249 -29.16 -35.13 26.84
C TRP F 249 -30.30 -34.65 25.93
N ILE F 250 -30.25 -33.38 25.55
CA ILE F 250 -31.27 -32.80 24.68
C ILE F 250 -31.45 -33.71 23.47
N GLN F 251 -30.33 -34.03 22.84
CA GLN F 251 -30.33 -34.90 21.67
C GLN F 251 -30.95 -36.24 22.01
N LYS F 252 -30.48 -36.87 23.08
CA LYS F 252 -30.99 -38.18 23.51
C LYS F 252 -32.51 -38.24 23.60
N VAL F 253 -33.11 -37.35 24.38
CA VAL F 253 -34.56 -37.35 24.52
C VAL F 253 -35.21 -37.15 23.16
N ILE F 254 -34.73 -36.17 22.40
CA ILE F 254 -35.29 -35.89 21.10
C ILE F 254 -35.28 -37.14 20.20
N ASP F 255 -34.11 -37.77 20.10
CA ASP F 255 -33.94 -38.96 19.27
C ASP F 255 -34.80 -40.15 19.65
N GLN F 256 -34.93 -40.42 20.94
CA GLN F 256 -35.74 -41.57 21.36
C GLN F 256 -37.23 -41.27 21.41
N PHE F 257 -37.60 -40.01 21.59
CA PHE F 257 -39.01 -39.65 21.67
C PHE F 257 -39.56 -38.88 20.46
N GLY F 258 -39.01 -39.14 19.27
CA GLY F 258 -39.51 -38.45 18.09
C GLY F 258 -38.80 -38.77 16.79
N GLU F 259 -37.56 -38.32 16.67
CA GLU F 259 -36.77 -38.54 15.47
C GLU F 259 -35.28 -38.51 15.80
N ILE G 1 34.40 14.66 -20.70
CA ILE G 1 34.76 14.65 -19.26
C ILE G 1 35.14 16.06 -18.89
N ARG G 2 34.75 16.48 -17.69
CA ARG G 2 35.06 17.83 -17.24
C ARG G 2 35.72 17.82 -15.88
N PHE G 3 36.91 18.43 -15.82
CA PHE G 3 37.71 18.53 -14.61
C PHE G 3 37.49 19.90 -13.97
N GLY G 4 38.09 20.12 -12.80
CA GLY G 4 37.95 21.39 -12.12
C GLY G 4 36.69 21.41 -11.27
N MET G 5 35.62 20.83 -11.79
CA MET G 5 34.36 20.76 -11.08
C MET G 5 34.36 19.78 -9.91
N GLY G 6 35.07 18.67 -10.06
CA GLY G 6 35.11 17.68 -8.98
C GLY G 6 34.33 16.41 -9.30
N LYS G 7 33.83 16.31 -10.53
CA LYS G 7 33.09 15.13 -10.97
C LYS G 7 33.98 13.89 -10.95
N VAL G 8 35.28 14.09 -11.10
CA VAL G 8 36.25 13.00 -11.08
C VAL G 8 37.01 13.07 -9.74
N PRO G 9 36.38 12.59 -8.65
CA PRO G 9 37.00 12.62 -7.33
C PRO G 9 38.29 11.80 -7.29
N CYS G 10 39.27 12.28 -6.53
CA CYS G 10 40.56 11.62 -6.44
C CYS G 10 40.84 10.79 -5.21
N PRO G 11 41.49 9.63 -5.39
CA PRO G 11 41.81 8.78 -4.25
C PRO G 11 43.03 9.38 -3.55
N ASP G 12 43.07 9.29 -2.22
CA ASP G 12 44.21 9.82 -1.47
C ASP G 12 45.38 8.90 -1.75
N GLY G 13 46.46 9.48 -2.26
CA GLY G 13 47.65 8.72 -2.56
C GLY G 13 47.51 7.85 -3.79
N GLU G 14 48.65 7.58 -4.43
CA GLU G 14 48.75 6.75 -5.63
C GLU G 14 48.17 7.38 -6.89
N VAL G 15 46.90 7.76 -6.87
CA VAL G 15 46.23 8.37 -8.01
C VAL G 15 46.53 7.69 -9.36
N GLY G 16 45.97 6.49 -9.53
CA GLY G 16 46.19 5.71 -10.73
C GLY G 16 45.85 6.38 -12.04
N TYR G 17 45.16 7.51 -11.99
CA TYR G 17 44.76 8.23 -13.20
C TYR G 17 44.71 9.72 -12.91
N THR G 18 44.86 10.53 -13.95
CA THR G 18 44.81 11.97 -13.81
C THR G 18 43.44 12.34 -13.30
N CYS G 19 43.41 12.74 -12.04
CA CYS G 19 42.19 13.06 -11.36
C CYS G 19 42.11 14.53 -10.99
N ASP G 20 41.04 14.83 -10.25
CA ASP G 20 40.77 16.15 -9.75
C ASP G 20 41.00 16.01 -8.24
N CYS G 21 41.97 16.75 -7.69
CA CYS G 21 42.24 16.69 -6.26
C CYS G 21 41.26 17.62 -5.54
N GLY G 22 41.78 18.66 -4.88
CA GLY G 22 40.90 19.60 -4.20
C GLY G 22 40.22 20.46 -5.26
N GLU G 23 41.05 20.93 -6.18
CA GLU G 23 40.62 21.77 -7.30
C GLU G 23 41.70 21.74 -8.38
N LYS G 24 42.96 21.81 -7.96
CA LYS G 24 44.07 21.73 -8.90
C LYS G 24 44.05 20.32 -9.45
N ILE G 25 44.36 20.16 -10.73
CA ILE G 25 44.36 18.85 -11.36
C ILE G 25 45.67 18.13 -11.04
N CYS G 26 45.58 16.85 -10.68
CA CYS G 26 46.79 16.07 -10.39
C CYS G 26 47.02 14.97 -11.40
N LEU G 27 48.04 15.17 -12.22
CA LEU G 27 48.42 14.24 -13.27
C LEU G 27 48.87 12.91 -12.70
N TYR G 28 48.62 11.85 -13.47
CA TYR G 28 48.98 10.48 -13.11
C TYR G 28 50.30 10.39 -12.32
N GLY G 29 50.24 9.71 -11.18
CA GLY G 29 51.42 9.55 -10.35
C GLY G 29 51.56 10.58 -9.25
N GLN G 30 51.19 11.82 -9.54
CA GLN G 30 51.29 12.93 -8.59
C GLN G 30 50.28 12.74 -7.44
N SER G 31 50.63 11.92 -6.45
CA SER G 31 49.75 11.63 -5.32
C SER G 31 49.06 12.82 -4.64
N CYS G 32 47.73 12.78 -4.66
CA CYS G 32 46.89 13.82 -4.08
C CYS G 32 46.37 13.48 -2.70
N ASN G 33 46.13 14.51 -1.91
CA ASN G 33 45.59 14.39 -0.55
C ASN G 33 45.03 15.75 -0.12
N ASP G 34 44.15 16.30 -0.96
CA ASP G 34 43.51 17.61 -0.73
C ASP G 34 44.45 18.78 -1.06
N GLY G 35 45.55 18.89 -0.31
CA GLY G 35 46.50 19.98 -0.51
C GLY G 35 47.47 19.76 -1.64
N GLN G 36 46.98 19.81 -2.88
CA GLN G 36 47.79 19.61 -4.08
C GLN G 36 48.43 18.21 -4.09
N CYS G 37 49.53 18.07 -4.82
CA CYS G 37 50.23 16.79 -4.89
C CYS G 37 51.74 16.99 -4.96
N SER G 38 52.47 15.90 -5.19
CA SER G 38 53.93 15.90 -5.29
C SER G 38 54.51 16.96 -6.23
N GLY G 39 53.69 17.48 -7.14
CA GLY G 39 54.17 18.47 -8.08
C GLY G 39 54.77 17.76 -9.29
N ASP G 40 55.36 16.59 -9.05
CA ASP G 40 55.97 15.79 -10.10
C ASP G 40 55.11 14.58 -10.46
N PRO G 41 54.46 14.61 -11.63
CA PRO G 41 53.58 13.57 -12.17
C PRO G 41 54.36 12.33 -12.63
N LYS G 42 54.32 12.06 -13.94
CA LYS G 42 55.00 10.92 -14.57
C LYS G 42 54.23 9.62 -14.34
N PRO G 43 54.42 8.63 -15.22
CA PRO G 43 55.29 8.61 -16.40
C PRO G 43 54.95 9.62 -17.51
N SER G 44 55.65 9.48 -18.63
CA SER G 44 56.26 10.59 -19.36
C SER G 44 57.19 10.04 -20.45
N SER G 45 57.51 10.86 -21.44
CA SER G 45 58.39 10.44 -22.55
C SER G 45 58.66 11.63 -23.47
N GLU G 46 59.69 11.50 -24.30
CA GLU G 46 60.04 12.55 -25.26
C GLU G 46 60.46 12.02 -26.63
N PHE G 47 60.50 10.70 -26.79
CA PHE G 47 60.86 10.10 -28.07
C PHE G 47 59.60 10.09 -28.93
N GLU G 48 59.76 10.31 -30.23
CA GLU G 48 58.63 10.34 -31.13
C GLU G 48 58.16 8.93 -31.45
N GLU G 49 56.85 8.74 -31.39
CA GLU G 49 56.25 7.43 -31.67
C GLU G 49 56.71 6.88 -33.00
N PHE G 50 56.60 5.56 -33.13
CA PHE G 50 56.99 4.86 -34.36
C PHE G 50 56.24 3.53 -34.47
N GLU G 51 56.28 2.97 -35.68
CA GLU G 51 55.62 1.70 -35.96
C GLU G 51 56.70 0.72 -36.40
N ILE G 52 56.65 -0.50 -35.88
CA ILE G 52 57.62 -1.54 -36.22
C ILE G 52 57.13 -2.93 -35.85
N ASP G 53 55.81 -3.13 -35.87
CA ASP G 53 55.22 -4.41 -35.51
C ASP G 53 53.88 -4.64 -36.18
N GLU G 54 53.57 -5.91 -36.41
CA GLU G 54 52.32 -6.32 -37.04
C GLU G 54 51.27 -6.63 -35.98
N GLU G 55 50.05 -6.16 -36.19
CA GLU G 55 48.96 -6.37 -35.25
C GLU G 55 47.65 -6.08 -35.97
N GLU G 56 47.75 -5.21 -36.98
CA GLU G 56 46.62 -4.81 -37.79
C GLU G 56 46.47 -5.83 -38.93
N LYS G 57 45.78 -5.44 -40.00
CA LYS G 57 45.58 -6.30 -41.15
C LYS G 57 46.73 -6.18 -42.15
N ILE H 1 8.22 4.54 0.93
CA ILE H 1 9.51 5.03 1.48
C ILE H 1 9.29 6.46 1.94
N ARG H 2 9.97 6.85 3.01
CA ARG H 2 9.83 8.20 3.53
C ARG H 2 11.24 8.72 3.76
N PHE H 3 11.52 9.88 3.17
CA PHE H 3 12.82 10.53 3.29
C PHE H 3 12.70 11.50 4.46
N GLY H 4 13.70 12.33 4.67
CA GLY H 4 13.63 13.27 5.78
C GLY H 4 13.95 12.65 7.14
N MET H 5 13.89 11.32 7.24
CA MET H 5 14.16 10.63 8.50
C MET H 5 15.45 9.81 8.50
N GLY H 6 16.39 10.16 7.63
CA GLY H 6 17.64 9.43 7.59
C GLY H 6 17.57 7.93 7.39
N LYS H 7 16.43 7.43 6.93
CA LYS H 7 16.28 5.99 6.70
C LYS H 7 16.97 5.61 5.40
N VAL H 8 17.04 6.55 4.46
CA VAL H 8 17.67 6.34 3.16
C VAL H 8 18.81 7.34 2.95
N PRO H 9 19.88 7.23 3.76
CA PRO H 9 20.98 8.16 3.59
C PRO H 9 21.86 7.63 2.47
N CYS H 10 22.54 8.51 1.76
CA CYS H 10 23.43 8.05 0.69
C CYS H 10 24.87 8.40 0.99
N PRO H 11 25.80 7.63 0.42
CA PRO H 11 27.23 7.87 0.64
C PRO H 11 27.71 9.16 -0.02
N ASP H 12 29.00 9.43 0.08
CA ASP H 12 29.59 10.63 -0.52
C ASP H 12 29.77 10.41 -2.01
N GLY H 13 29.54 11.47 -2.78
CA GLY H 13 29.71 11.37 -4.22
C GLY H 13 28.45 11.42 -5.06
N GLU H 14 28.57 10.88 -6.27
CA GLU H 14 27.47 10.84 -7.23
C GLU H 14 26.39 9.93 -6.65
N VAL H 15 25.43 10.54 -5.99
CA VAL H 15 24.34 9.80 -5.36
C VAL H 15 23.50 9.09 -6.43
N GLY H 16 23.70 7.79 -6.55
CA GLY H 16 22.99 7.00 -7.54
C GLY H 16 21.50 6.80 -7.35
N TYR H 17 20.93 7.42 -6.34
CA TYR H 17 19.51 7.31 -6.05
C TYR H 17 19.13 8.41 -5.09
N THR H 18 17.93 8.95 -5.23
CA THR H 18 17.47 10.02 -4.37
C THR H 18 17.65 9.60 -2.93
N CYS H 19 18.35 10.41 -2.17
CA CYS H 19 18.61 10.04 -0.80
C CYS H 19 18.47 11.20 0.16
N ASP H 20 18.51 10.86 1.43
CA ASP H 20 18.43 11.82 2.51
C ASP H 20 19.88 11.97 2.93
N CYS H 21 20.49 13.10 2.60
CA CYS H 21 21.89 13.32 2.96
C CYS H 21 22.00 13.77 4.42
N GLY H 22 22.19 15.06 4.64
CA GLY H 22 22.29 15.55 6.01
C GLY H 22 20.90 15.73 6.58
N GLU H 23 20.21 16.74 6.06
CA GLU H 23 18.84 17.04 6.45
C GLU H 23 18.08 17.18 5.14
N LYS H 24 18.80 17.63 4.12
CA LYS H 24 18.25 17.82 2.78
C LYS H 24 18.20 16.48 2.05
N ILE H 25 17.45 16.47 0.96
CA ILE H 25 17.30 15.30 0.12
C ILE H 25 18.09 15.56 -1.16
N CYS H 26 18.94 14.61 -1.53
CA CYS H 26 19.73 14.73 -2.76
C CYS H 26 18.97 14.01 -3.84
N LEU H 27 19.12 14.49 -5.08
CA LEU H 27 18.44 13.88 -6.21
C LEU H 27 19.41 13.04 -7.05
N TYR H 28 18.86 12.14 -7.85
CA TYR H 28 19.64 11.27 -8.71
C TYR H 28 20.61 12.04 -9.58
N GLY H 29 21.89 11.69 -9.48
CA GLY H 29 22.90 12.35 -10.30
C GLY H 29 23.56 13.53 -9.61
N GLN H 30 22.97 13.99 -8.52
CA GLN H 30 23.49 15.09 -7.75
C GLN H 30 24.60 14.50 -6.87
N SER H 31 25.07 15.24 -5.87
CA SER H 31 26.10 14.73 -4.98
C SER H 31 26.09 15.47 -3.65
N CYS H 32 26.63 14.85 -2.62
CA CYS H 32 26.69 15.50 -1.31
C CYS H 32 27.80 14.93 -0.48
N ASN H 33 28.31 15.75 0.42
CA ASN H 33 29.38 15.37 1.33
C ASN H 33 29.03 16.02 2.66
N ASP H 34 28.24 15.31 3.46
CA ASP H 34 27.77 15.79 4.77
C ASP H 34 27.26 17.24 4.78
N GLY H 35 28.17 18.21 4.66
CA GLY H 35 27.78 19.61 4.66
C GLY H 35 27.05 20.01 3.40
N GLN H 36 25.76 19.66 3.33
CA GLN H 36 24.88 19.99 2.20
C GLN H 36 25.03 19.13 0.94
N CYS H 37 24.03 19.27 0.06
CA CYS H 37 23.95 18.57 -1.21
C CYS H 37 24.32 19.52 -2.33
N SER H 38 25.33 19.17 -3.11
CA SER H 38 25.80 19.99 -4.22
C SER H 38 25.83 19.20 -5.52
N GLY H 39 25.49 19.86 -6.61
CA GLY H 39 25.49 19.20 -7.90
C GLY H 39 24.18 19.43 -8.62
N ASP H 40 24.13 19.05 -9.89
CA ASP H 40 22.93 19.22 -10.69
C ASP H 40 22.31 17.83 -10.92
N PRO H 41 20.97 17.72 -10.76
CA PRO H 41 20.27 16.44 -10.96
C PRO H 41 20.53 15.90 -12.37
N LYS H 42 20.20 14.63 -12.62
CA LYS H 42 20.46 14.03 -13.93
C LYS H 42 19.86 14.71 -15.19
N PRO H 43 18.58 14.44 -15.56
CA PRO H 43 17.51 13.58 -15.06
C PRO H 43 17.39 12.25 -15.83
N SER H 44 16.71 11.29 -15.21
CA SER H 44 15.89 10.33 -15.93
C SER H 44 14.45 10.83 -15.98
N SER H 45 13.52 9.94 -16.33
CA SER H 45 12.08 10.22 -16.42
C SER H 45 11.54 11.30 -17.36
N GLU H 46 12.12 12.50 -17.31
CA GLU H 46 11.70 13.61 -18.18
C GLU H 46 11.54 13.15 -19.61
N PHE H 47 12.36 12.18 -20.00
CA PHE H 47 12.33 11.64 -21.35
C PHE H 47 11.09 10.84 -21.68
N GLU H 48 10.30 11.41 -22.59
CA GLU H 48 9.05 10.83 -23.07
C GLU H 48 9.30 9.39 -23.48
N GLU H 49 8.45 8.49 -23.01
CA GLU H 49 8.58 7.08 -23.31
C GLU H 49 8.48 6.80 -24.80
N PHE H 50 9.04 5.67 -25.20
CA PHE H 50 9.03 5.24 -26.59
C PHE H 50 9.29 3.74 -26.66
N GLU H 51 9.08 3.18 -27.85
CA GLU H 51 9.30 1.76 -28.12
C GLU H 51 9.59 1.65 -29.61
N ILE H 52 10.78 1.17 -29.96
CA ILE H 52 11.18 1.02 -31.37
C ILE H 52 10.27 0.02 -32.12
N ASP H 53 9.68 0.47 -33.23
CA ASP H 53 8.76 -0.36 -34.01
C ASP H 53 8.99 -0.31 -35.53
N GLU H 54 8.59 -1.39 -36.20
CA GLU H 54 8.66 -1.54 -37.66
C GLU H 54 8.06 -2.92 -37.99
N GLU H 55 8.30 -3.42 -39.20
CA GLU H 55 7.80 -4.72 -39.61
C GLU H 55 8.42 -5.10 -40.96
N ILE I 1 -35.31 -18.13 38.56
CA ILE I 1 -35.57 -17.87 40.00
C ILE I 1 -34.60 -16.80 40.50
N ARG I 2 -35.14 -15.72 41.07
CA ARG I 2 -34.28 -14.65 41.58
C ARG I 2 -34.31 -14.55 43.11
N PHE I 3 -33.18 -14.89 43.74
CA PHE I 3 -33.04 -14.86 45.20
C PHE I 3 -32.78 -13.43 45.66
N GLY I 4 -32.64 -13.25 46.98
CA GLY I 4 -32.37 -11.94 47.53
C GLY I 4 -33.60 -11.10 47.80
N MET I 5 -34.61 -11.21 46.95
CA MET I 5 -35.83 -10.44 47.11
C MET I 5 -36.83 -11.15 48.03
N GLY I 6 -36.33 -12.00 48.92
CA GLY I 6 -37.19 -12.73 49.83
C GLY I 6 -38.27 -13.58 49.19
N LYS I 7 -38.20 -13.77 47.88
CA LYS I 7 -39.18 -14.57 47.13
C LYS I 7 -39.24 -16.04 47.58
N VAL I 8 -38.10 -16.54 48.04
CA VAL I 8 -37.99 -17.91 48.53
C VAL I 8 -37.51 -17.83 49.98
N PRO I 9 -38.46 -17.75 50.95
CA PRO I 9 -38.14 -17.66 52.38
C PRO I 9 -37.83 -19.01 53.03
N CYS I 10 -36.77 -19.06 53.82
CA CYS I 10 -36.37 -20.31 54.49
C CYS I 10 -37.23 -20.61 55.69
N PRO I 11 -37.56 -21.89 55.88
CA PRO I 11 -38.37 -22.29 57.02
C PRO I 11 -37.46 -22.23 58.26
N ASP I 12 -37.99 -21.70 59.36
CA ASP I 12 -37.24 -21.61 60.61
C ASP I 12 -36.61 -22.97 60.90
N GLY I 13 -35.29 -23.00 60.95
CA GLY I 13 -34.61 -24.26 61.21
C GLY I 13 -33.77 -24.64 60.01
N GLU I 14 -33.49 -25.94 59.86
CA GLU I 14 -32.67 -26.43 58.76
C GLU I 14 -33.35 -26.39 57.39
N VAL I 15 -32.93 -25.44 56.56
CA VAL I 15 -33.50 -25.30 55.24
C VAL I 15 -33.12 -26.50 54.37
N GLY I 16 -34.15 -27.20 53.88
CA GLY I 16 -33.95 -28.38 53.07
C GLY I 16 -33.61 -28.09 51.62
N TYR I 17 -33.82 -26.86 51.19
CA TYR I 17 -33.53 -26.45 49.83
C TYR I 17 -32.89 -25.09 49.97
N THR I 18 -32.02 -24.72 49.04
CA THR I 18 -31.35 -23.43 49.12
C THR I 18 -32.41 -22.35 49.07
N CYS I 19 -32.25 -21.35 49.92
CA CYS I 19 -33.22 -20.28 49.98
C CYS I 19 -32.67 -19.07 50.73
N ASP I 20 -33.46 -18.00 50.73
CA ASP I 20 -33.09 -16.75 51.39
C ASP I 20 -33.79 -16.62 52.75
N CYS I 21 -33.06 -16.13 53.75
CA CYS I 21 -33.63 -15.94 55.08
C CYS I 21 -33.86 -14.45 55.34
N GLY I 22 -32.87 -13.78 55.92
CA GLY I 22 -33.02 -12.35 56.14
C GLY I 22 -32.79 -11.76 54.76
N GLU I 23 -31.53 -11.55 54.44
CA GLU I 23 -31.13 -11.05 53.13
C GLU I 23 -30.05 -11.98 52.60
N LYS I 24 -29.61 -12.89 53.47
CA LYS I 24 -28.57 -13.87 53.14
C LYS I 24 -29.19 -15.17 52.60
N ILE I 25 -28.51 -15.77 51.64
CA ILE I 25 -28.94 -17.02 51.03
C ILE I 25 -28.34 -18.17 51.84
N CYS I 26 -29.21 -18.93 52.49
CA CYS I 26 -28.78 -20.06 53.28
C CYS I 26 -28.69 -21.25 52.36
N LEU I 27 -27.48 -21.73 52.11
CA LEU I 27 -27.28 -22.87 51.24
C LEU I 27 -27.91 -24.09 51.89
N TYR I 28 -28.44 -24.98 51.06
CA TYR I 28 -29.06 -26.22 51.51
C TYR I 28 -28.17 -26.89 52.54
N GLY I 29 -28.70 -27.06 53.73
CA GLY I 29 -27.92 -27.68 54.79
C GLY I 29 -27.47 -26.68 55.82
N GLN I 30 -28.39 -25.85 56.28
CA GLN I 30 -28.11 -24.84 57.28
C GLN I 30 -29.43 -24.46 57.92
N SER I 31 -29.36 -23.85 59.10
CA SER I 31 -30.55 -23.43 59.81
C SER I 31 -30.44 -21.95 60.10
N CYS I 32 -31.47 -21.18 59.77
CA CYS I 32 -31.40 -19.75 60.05
C CYS I 32 -32.41 -19.32 61.09
N ASN I 33 -31.96 -18.42 61.95
CA ASN I 33 -32.79 -17.87 63.01
C ASN I 33 -32.86 -16.39 62.70
N ASP I 34 -33.94 -16.00 62.04
CA ASP I 34 -34.20 -14.62 61.62
C ASP I 34 -33.03 -14.11 60.75
N GLY I 35 -32.46 -12.96 61.09
CA GLY I 35 -31.37 -12.41 60.31
C GLY I 35 -30.02 -13.04 60.56
N GLN I 36 -29.94 -14.37 60.44
CA GLN I 36 -28.67 -15.06 60.65
C GLN I 36 -28.69 -16.52 60.18
N CYS I 37 -27.67 -16.88 59.40
CA CYS I 37 -27.52 -18.22 58.84
C CYS I 37 -26.27 -18.95 59.31
N SER I 38 -26.45 -20.00 60.09
CA SER I 38 -25.31 -20.76 60.57
C SER I 38 -25.44 -22.20 60.11
N GLY I 39 -24.31 -22.85 59.86
CA GLY I 39 -24.33 -24.24 59.44
C GLY I 39 -23.08 -24.68 58.70
N ASP I 40 -23.16 -25.83 58.05
CA ASP I 40 -22.04 -26.36 57.28
C ASP I 40 -22.56 -26.92 55.97
N PRO I 41 -22.69 -26.06 54.95
CA PRO I 41 -23.17 -26.40 53.62
C PRO I 41 -22.32 -27.43 52.87
N LYS I 42 -22.58 -28.71 53.11
CA LYS I 42 -21.86 -29.78 52.39
C LYS I 42 -22.76 -30.95 51.95
N PRO I 43 -24.08 -30.72 51.78
CA PRO I 43 -24.96 -31.81 51.37
C PRO I 43 -24.91 -32.16 49.88
N SER I 44 -26.07 -32.56 49.36
CA SER I 44 -26.21 -33.03 47.98
C SER I 44 -25.35 -34.26 47.71
N SER I 45 -25.37 -35.18 48.67
CA SER I 45 -24.60 -36.44 48.61
C SER I 45 -23.10 -36.20 48.72
N GLU I 46 -22.41 -37.22 49.22
CA GLU I 46 -20.96 -37.15 49.39
C GLU I 46 -20.31 -38.06 48.35
N PHE I 47 -21.12 -38.92 47.76
CA PHE I 47 -20.66 -39.87 46.75
C PHE I 47 -20.63 -39.16 45.42
N GLU I 48 -19.50 -39.27 44.72
CA GLU I 48 -19.32 -38.62 43.44
C GLU I 48 -20.29 -39.16 42.41
N GLU I 49 -20.55 -38.36 41.38
CA GLU I 49 -21.46 -38.71 40.31
C GLU I 49 -20.87 -39.76 39.38
N PHE I 50 -21.74 -40.59 38.80
CA PHE I 50 -21.31 -41.62 37.87
C PHE I 50 -22.34 -41.85 36.76
N GLU I 51 -21.93 -42.59 35.73
CA GLU I 51 -22.79 -42.88 34.59
C GLU I 51 -23.23 -44.34 34.56
N ILE I 52 -24.48 -44.58 34.20
CA ILE I 52 -25.03 -45.95 34.13
C ILE I 52 -26.07 -46.09 33.02
N ASP I 53 -27.31 -45.65 33.33
CA ASP I 53 -28.49 -45.72 32.45
C ASP I 53 -28.69 -46.98 31.58
N GLU I 54 -29.95 -47.26 31.23
CA GLU I 54 -30.28 -48.44 30.45
C GLU I 54 -29.85 -48.46 28.98
N GLU I 55 -28.59 -48.10 28.72
CA GLU I 55 -28.09 -48.10 27.36
C GLU I 55 -27.23 -49.36 27.16
N GLU I 56 -27.81 -50.52 27.49
CA GLU I 56 -27.12 -51.80 27.37
C GLU I 56 -26.56 -52.09 25.98
N LYS I 57 -25.25 -52.31 25.92
CA LYS I 57 -24.55 -52.59 24.66
C LYS I 57 -24.14 -54.05 24.58
#